data_4GG8
#
_entry.id   4GG8
#
_cell.length_a   124.562
_cell.length_b   124.562
_cell.length_c   61.098
_cell.angle_alpha   90.00
_cell.angle_beta   90.00
_cell.angle_gamma   120.00
#
_symmetry.space_group_name_H-M   'P 3'
#
loop_
_entity.id
_entity.type
_entity.pdbx_description
1 polymer 'T-CELL RECEPTOR, SP3.4 ALPHA CHAIN'
2 polymer 'T-CELL RECEPTOR, SP3.4 BETA CHAIN'
3 branched beta-D-fructofuranose-(2-1)-alpha-D-glucopyranose
#
loop_
_entity_poly.entity_id
_entity_poly.type
_entity_poly.pdbx_seq_one_letter_code
_entity_poly.pdbx_strand_id
1 'polypeptide(L)'
;MDAKTTQPNSMESNEEEPVHLPCNHSTISGTDYIHWYRQLPSQGPEYVIHGLTSNVNNRMASLAIAEDRKSSTLILHRAT
LRDAAVYYCILRDGRGGADGLTFGKGTHLIIQPYIQNPDPAVYQLRDSKSSDKSVCLFTDFDSQTNVSQSKDSDVYITDK
CVLDMRSMDFKSNSAVAWSNKSDFACANAFNNSIIPEDTFFPSPESS
;
E,A
2 'polypeptide(L)'
;DSGVTQTPKHLITATGQRVTLRCSPRSGDLSVYWYQQSLDQGLQFLIQYYNGEERAKGNILERFSAQQFPDLHSELNLSS
LELGDSALYFCASSVAVSAGTYEQYFGPGTRLTVTEDLKNVFPPEVAVFEPSEAEISHTQKATLVCLATGFYPDHVELSW
WVNGKEVHSGVCTDPQPLKEQPALNDSRYALSSRLRVSATFWQNPRNHFRCQVQFYGLSENDEWTQDRAKPVTQIVSAEA
WGRAD
;
F,B
#
loop_
_chem_comp.id
_chem_comp.type
_chem_comp.name
_chem_comp.formula
FRU D-saccharide, beta linking beta-D-fructofuranose 'C6 H12 O6'
GLC D-saccharide, alpha linking alpha-D-glucopyranose 'C6 H12 O6'
#
# COMPACT_ATOMS: atom_id res chain seq x y z
N LYS A 4 9.29 -15.88 -18.63
CA LYS A 4 8.28 -15.56 -17.57
C LYS A 4 7.57 -14.22 -17.83
N THR A 5 6.77 -13.80 -16.87
CA THR A 5 6.10 -12.50 -16.92
C THR A 5 6.39 -11.74 -15.64
N THR A 6 6.18 -10.43 -15.67
CA THR A 6 6.22 -9.62 -14.46
C THR A 6 5.16 -8.52 -14.48
N GLN A 7 4.43 -8.40 -13.37
CA GLN A 7 3.46 -7.32 -13.17
C GLN A 7 3.78 -6.66 -11.83
N PRO A 8 3.40 -5.38 -11.66
CA PRO A 8 3.65 -4.69 -10.39
C PRO A 8 3.06 -5.45 -9.21
N ASN A 9 3.78 -5.47 -8.08
CA ASN A 9 3.33 -6.16 -6.87
C ASN A 9 1.91 -5.78 -6.51
N SER A 10 1.73 -4.54 -6.08
CA SER A 10 0.43 -4.08 -5.66
C SER A 10 -0.05 -2.99 -6.60
N MET A 11 -1.36 -2.81 -6.62
CA MET A 11 -1.99 -1.72 -7.35
C MET A 11 -3.28 -1.38 -6.65
N GLU A 12 -3.56 -0.08 -6.51
CA GLU A 12 -4.87 0.30 -6.00
C GLU A 12 -5.64 1.33 -6.80
N SER A 13 -6.80 0.90 -7.28
CA SER A 13 -7.67 1.69 -8.15
C SER A 13 -8.98 2.00 -7.44
N ASN A 14 -9.87 2.72 -8.12
CA ASN A 14 -11.13 3.14 -7.52
C ASN A 14 -12.35 2.41 -8.09
N GLU A 15 -13.37 2.25 -7.23
CA GLU A 15 -14.68 1.73 -7.59
C GLU A 15 -15.24 2.34 -8.87
N GLU A 16 -16.09 1.57 -9.57
CA GLU A 16 -16.82 2.04 -10.75
C GLU A 16 -15.91 2.70 -11.79
N GLU A 17 -14.72 2.13 -11.97
CA GLU A 17 -13.75 2.61 -12.93
C GLU A 17 -13.20 1.43 -13.70
N PRO A 18 -12.69 1.68 -14.93
CA PRO A 18 -12.00 0.61 -15.59
C PRO A 18 -10.63 0.47 -14.95
N VAL A 19 -10.16 -0.76 -14.82
CA VAL A 19 -8.89 -1.01 -14.19
C VAL A 19 -8.03 -1.78 -15.17
N HIS A 20 -6.90 -1.17 -15.52
CA HIS A 20 -5.94 -1.76 -16.42
C HIS A 20 -4.79 -2.39 -15.66
N LEU A 21 -4.69 -3.71 -15.78
CA LEU A 21 -3.64 -4.48 -15.11
C LEU A 21 -2.57 -4.85 -16.11
N PRO A 22 -1.43 -4.12 -16.07
CA PRO A 22 -0.34 -4.29 -17.02
C PRO A 22 0.56 -5.44 -16.61
N CYS A 23 1.14 -6.11 -17.60
CA CYS A 23 2.05 -7.22 -17.39
C CYS A 23 3.02 -7.30 -18.55
N ASN A 24 4.31 -7.40 -18.24
CA ASN A 24 5.30 -7.52 -19.28
C ASN A 24 5.69 -8.97 -19.54
N HIS A 25 6.26 -9.19 -20.72
CA HIS A 25 6.82 -10.48 -21.15
C HIS A 25 7.69 -10.26 -22.36
N SER A 26 8.77 -9.50 -22.15
CA SER A 26 9.76 -9.24 -23.19
C SER A 26 10.48 -10.52 -23.60
N THR A 27 10.51 -11.50 -22.70
CA THR A 27 10.94 -12.86 -23.02
C THR A 27 10.02 -13.41 -24.10
N ILE A 28 10.63 -14.13 -25.05
CA ILE A 28 9.99 -14.60 -26.29
C ILE A 28 8.61 -15.25 -26.13
N SER A 29 7.58 -14.41 -26.18
CA SER A 29 6.20 -14.89 -26.17
C SER A 29 5.86 -15.50 -27.54
N GLY A 30 6.56 -16.58 -27.91
CA GLY A 30 6.47 -17.18 -29.24
C GLY A 30 5.09 -17.72 -29.58
N THR A 31 4.89 -18.99 -29.30
CA THR A 31 3.57 -19.61 -29.37
C THR A 31 3.02 -19.71 -27.94
N ASP A 32 3.38 -18.74 -27.10
CA ASP A 32 2.98 -18.73 -25.70
C ASP A 32 1.73 -17.89 -25.51
N TYR A 33 0.69 -18.51 -24.96
CA TYR A 33 -0.57 -17.84 -24.71
C TYR A 33 -0.42 -17.01 -23.46
N ILE A 34 -1.00 -15.81 -23.48
CA ILE A 34 -1.07 -14.94 -22.32
C ILE A 34 -2.32 -15.34 -21.54
N HIS A 35 -2.12 -15.80 -20.30
CA HIS A 35 -3.22 -16.24 -19.46
C HIS A 35 -3.37 -15.30 -18.27
N TRP A 36 -4.60 -15.17 -17.78
CA TRP A 36 -4.85 -14.49 -16.53
C TRP A 36 -5.78 -15.30 -15.63
N TYR A 37 -5.36 -15.45 -14.38
CA TYR A 37 -6.17 -16.05 -13.33
C TYR A 37 -6.29 -15.07 -12.13
N ARG A 38 -7.41 -15.09 -11.42
CA ARG A 38 -7.56 -14.24 -10.23
C ARG A 38 -7.80 -15.03 -8.94
N GLN A 39 -7.44 -14.44 -7.80
CA GLN A 39 -7.68 -15.06 -6.49
C GLN A 39 -8.31 -14.09 -5.51
N LEU A 40 -9.50 -14.45 -5.05
CA LEU A 40 -10.32 -13.57 -4.21
C LEU A 40 -10.06 -13.80 -2.72
N PRO A 41 -10.44 -12.84 -1.85
CA PRO A 41 -10.14 -12.82 -0.42
C PRO A 41 -9.57 -14.11 0.15
N SER A 42 -10.44 -15.10 0.39
CA SER A 42 -10.06 -16.34 1.08
C SER A 42 -10.28 -17.59 0.20
N GLN A 43 -10.08 -17.44 -1.10
CA GLN A 43 -10.52 -18.46 -2.05
C GLN A 43 -9.43 -18.99 -2.98
N GLY A 44 -9.76 -20.06 -3.69
CA GLY A 44 -8.86 -20.65 -4.67
C GLY A 44 -8.75 -19.79 -5.91
N PRO A 45 -7.74 -20.07 -6.76
CA PRO A 45 -7.64 -19.31 -8.01
C PRO A 45 -8.71 -19.69 -9.02
N GLU A 46 -9.23 -18.69 -9.72
CA GLU A 46 -10.10 -18.93 -10.87
C GLU A 46 -9.59 -18.23 -12.13
N TYR A 47 -9.88 -18.84 -13.27
CA TYR A 47 -9.48 -18.32 -14.58
C TYR A 47 -10.19 -17.00 -14.88
N VAL A 48 -9.57 -16.17 -15.71
CA VAL A 48 -10.19 -14.95 -16.16
C VAL A 48 -10.38 -14.98 -17.68
N ILE A 49 -9.33 -14.63 -18.42
CA ILE A 49 -9.36 -14.59 -19.89
C ILE A 49 -7.96 -14.91 -20.37
N HIS A 50 -7.83 -15.38 -21.59
CA HIS A 50 -6.50 -15.70 -22.14
C HIS A 50 -6.45 -15.44 -23.66
N GLY A 51 -5.32 -14.90 -24.13
CA GLY A 51 -5.18 -14.50 -25.53
C GLY A 51 -3.97 -15.05 -26.26
N LEU A 52 -3.72 -14.54 -27.48
CA LEU A 52 -2.53 -14.91 -28.25
C LEU A 52 -1.97 -13.77 -29.09
N THR A 53 -2.57 -13.53 -30.26
CA THR A 53 -2.06 -12.55 -31.21
C THR A 53 -2.98 -11.35 -31.37
N SER A 54 -4.22 -11.49 -30.90
CA SER A 54 -5.20 -10.41 -31.01
C SER A 54 -5.90 -10.17 -29.67
N ASN A 55 -6.65 -9.08 -29.59
CA ASN A 55 -7.44 -8.78 -28.40
C ASN A 55 -8.62 -9.72 -28.28
N VAL A 56 -9.03 -10.02 -27.05
CA VAL A 56 -10.10 -11.00 -26.79
C VAL A 56 -11.06 -10.53 -25.70
N ASN A 57 -12.34 -10.82 -25.87
CA ASN A 57 -13.38 -10.44 -24.91
C ASN A 57 -14.06 -11.63 -24.24
N ASN A 58 -14.41 -11.47 -22.97
CA ASN A 58 -15.37 -12.35 -22.30
C ASN A 58 -16.08 -11.65 -21.14
N ARG A 59 -17.05 -12.33 -20.54
CA ARG A 59 -17.89 -11.75 -19.51
C ARG A 59 -17.11 -11.36 -18.25
N MET A 60 -15.91 -11.90 -18.09
CA MET A 60 -15.04 -11.51 -16.98
C MET A 60 -14.31 -10.22 -17.28
N ALA A 61 -13.52 -10.23 -18.36
CA ALA A 61 -12.66 -9.10 -18.67
C ALA A 61 -12.44 -8.91 -20.17
N SER A 62 -11.73 -7.83 -20.52
CA SER A 62 -11.22 -7.61 -21.85
C SER A 62 -9.70 -7.77 -21.77
N LEU A 63 -9.10 -8.37 -22.80
CA LEU A 63 -7.65 -8.51 -22.85
C LEU A 63 -7.05 -7.85 -24.09
N ALA A 64 -6.30 -6.78 -23.85
CA ALA A 64 -5.55 -6.13 -24.90
C ALA A 64 -4.14 -6.70 -24.91
N ILE A 65 -3.67 -7.06 -26.09
CA ILE A 65 -2.27 -7.48 -26.25
C ILE A 65 -1.57 -6.47 -27.15
N ALA A 66 -0.27 -6.28 -26.93
CA ALA A 66 0.53 -5.33 -27.72
C ALA A 66 0.75 -5.86 -29.14
N GLU A 67 1.02 -4.95 -30.08
CA GLU A 67 1.34 -5.33 -31.45
C GLU A 67 2.54 -6.26 -31.47
N ASP A 68 3.54 -5.92 -30.66
CA ASP A 68 4.77 -6.71 -30.50
C ASP A 68 4.64 -7.83 -29.48
N ARG A 69 3.49 -7.88 -28.81
CA ARG A 69 3.15 -8.90 -27.80
C ARG A 69 4.07 -8.97 -26.57
N LYS A 70 4.90 -7.94 -26.39
CA LYS A 70 5.88 -7.95 -25.32
C LYS A 70 5.22 -7.53 -24.02
N SER A 71 4.09 -6.82 -24.15
CA SER A 71 3.26 -6.44 -23.02
C SER A 71 1.79 -6.80 -23.28
N SER A 72 1.00 -6.83 -22.22
CA SER A 72 -0.42 -7.17 -22.29
C SER A 72 -1.20 -6.49 -21.18
N THR A 73 -2.48 -6.23 -21.40
CA THR A 73 -3.29 -5.48 -20.43
C THR A 73 -4.64 -6.13 -20.11
N LEU A 74 -4.77 -6.63 -18.88
CA LEU A 74 -6.04 -7.14 -18.36
C LEU A 74 -6.89 -5.96 -17.99
N ILE A 75 -8.14 -5.95 -18.45
CA ILE A 75 -9.03 -4.80 -18.22
C ILE A 75 -10.32 -5.23 -17.55
N LEU A 76 -10.53 -4.77 -16.32
CA LEU A 76 -11.81 -4.99 -15.69
C LEU A 76 -12.71 -3.84 -16.10
N HIS A 77 -13.68 -4.13 -16.98
CA HIS A 77 -14.54 -3.12 -17.64
C HIS A 77 -15.05 -2.02 -16.72
N ARG A 78 -15.36 -2.42 -15.47
CA ARG A 78 -15.84 -1.53 -14.41
C ARG A 78 -15.64 -2.28 -13.10
N ALA A 79 -14.76 -1.76 -12.27
CA ALA A 79 -14.36 -2.45 -11.05
C ALA A 79 -15.26 -2.12 -9.87
N THR A 80 -15.44 -3.09 -8.98
CA THR A 80 -16.14 -2.88 -7.72
C THR A 80 -15.32 -3.48 -6.59
N LEU A 81 -15.70 -3.20 -5.35
CA LEU A 81 -15.05 -3.80 -4.17
C LEU A 81 -14.91 -5.33 -4.30
N ARG A 82 -15.74 -5.94 -5.13
CA ARG A 82 -15.70 -7.38 -5.41
C ARG A 82 -14.44 -7.76 -6.16
N ASP A 83 -14.07 -6.94 -7.14
CA ASP A 83 -12.94 -7.22 -8.01
C ASP A 83 -11.60 -7.11 -7.29
N ALA A 84 -11.63 -6.79 -5.99
CA ALA A 84 -10.43 -6.78 -5.17
C ALA A 84 -9.87 -8.20 -5.04
N ALA A 85 -8.79 -8.47 -5.80
CA ALA A 85 -8.23 -9.81 -5.91
C ALA A 85 -6.73 -9.79 -6.24
N VAL A 86 -6.15 -10.99 -6.38
CA VAL A 86 -4.76 -11.16 -6.78
C VAL A 86 -4.70 -11.65 -8.23
N TYR A 87 -4.03 -10.90 -9.09
CA TYR A 87 -4.08 -11.17 -10.52
C TYR A 87 -2.76 -11.69 -11.07
N TYR A 88 -2.84 -12.87 -11.69
CA TYR A 88 -1.65 -13.51 -12.27
C TYR A 88 -1.63 -13.41 -13.79
N CYS A 89 -0.49 -13.01 -14.31
CA CYS A 89 -0.28 -12.97 -15.74
C CYS A 89 0.69 -14.11 -16.06
N ILE A 90 0.17 -15.19 -16.62
CA ILE A 90 0.98 -16.38 -16.89
C ILE A 90 1.20 -16.58 -18.39
N LEU A 91 2.36 -17.10 -18.76
CA LEU A 91 2.57 -17.61 -20.11
C LEU A 91 2.33 -19.12 -20.13
N ARG A 92 1.61 -19.61 -21.14
CA ARG A 92 1.30 -21.03 -21.30
C ARG A 92 1.43 -21.40 -22.77
N ASP A 93 2.20 -22.45 -23.08
CA ASP A 93 2.56 -22.77 -24.47
C ASP A 93 2.37 -24.22 -24.87
N GLY A 94 3.41 -25.04 -24.66
CA GLY A 94 3.41 -26.46 -25.01
C GLY A 94 3.78 -27.34 -23.82
N ARG A 95 3.99 -28.63 -24.09
CA ARG A 95 4.31 -29.60 -23.03
C ARG A 95 5.68 -29.36 -22.38
N ASP A 99 6.96 -28.80 -16.09
CA ASP A 99 6.95 -27.48 -15.47
C ASP A 99 6.28 -26.47 -16.39
N GLY A 100 6.22 -25.20 -15.95
CA GLY A 100 5.63 -24.12 -16.74
C GLY A 100 4.18 -23.84 -16.38
N LEU A 101 3.64 -24.62 -15.44
CA LEU A 101 2.27 -24.46 -14.94
C LEU A 101 2.37 -23.85 -13.55
N THR A 102 2.95 -22.66 -13.50
CA THR A 102 3.36 -22.05 -12.25
C THR A 102 2.69 -20.68 -12.12
N PHE A 103 2.66 -20.14 -10.90
CA PHE A 103 1.99 -18.87 -10.66
C PHE A 103 2.88 -17.87 -9.94
N GLY A 104 3.11 -16.74 -10.60
CA GLY A 104 3.96 -15.68 -10.03
C GLY A 104 3.34 -14.95 -8.86
N LYS A 105 4.03 -13.93 -8.39
CA LYS A 105 3.53 -13.08 -7.29
C LYS A 105 2.23 -12.37 -7.68
N GLY A 106 2.10 -12.00 -8.96
CA GLY A 106 0.91 -11.33 -9.46
C GLY A 106 0.70 -9.94 -8.88
N THR A 107 -0.49 -9.38 -9.07
CA THR A 107 -0.77 -8.04 -8.58
C THR A 107 -1.90 -7.97 -7.55
N HIS A 108 -1.53 -7.66 -6.32
CA HIS A 108 -2.47 -7.47 -5.23
C HIS A 108 -3.30 -6.25 -5.56
N LEU A 109 -4.39 -6.45 -6.29
CA LEU A 109 -5.28 -5.36 -6.66
C LEU A 109 -6.14 -4.97 -5.46
N ILE A 110 -6.21 -3.68 -5.20
CA ILE A 110 -7.02 -3.16 -4.09
C ILE A 110 -7.99 -2.12 -4.64
N ILE A 111 -9.21 -2.07 -4.09
CA ILE A 111 -10.24 -1.11 -4.52
C ILE A 111 -10.70 -0.24 -3.36
N GLN A 112 -10.87 1.06 -3.61
CA GLN A 112 -11.34 1.97 -2.59
C GLN A 112 -12.65 2.64 -2.92
N PRO A 113 -13.54 2.77 -1.92
CA PRO A 113 -14.87 3.34 -2.13
C PRO A 113 -14.85 4.86 -2.20
N TYR A 114 -15.82 5.44 -2.91
CA TYR A 114 -15.95 6.89 -3.04
C TYR A 114 -16.75 7.47 -1.87
N ILE A 115 -16.15 7.43 -0.67
CA ILE A 115 -16.77 7.92 0.57
C ILE A 115 -16.90 9.45 0.51
N GLN A 116 -18.13 9.93 0.31
CA GLN A 116 -18.37 11.35 0.07
C GLN A 116 -18.37 12.21 1.34
N ASN A 117 -18.93 11.66 2.42
CA ASN A 117 -19.03 12.37 3.69
C ASN A 117 -18.41 11.58 4.84
N PRO A 118 -17.11 11.78 5.11
CA PRO A 118 -16.53 11.19 6.30
C PRO A 118 -17.21 11.72 7.56
N ASP A 119 -17.29 10.89 8.60
CA ASP A 119 -17.90 11.28 9.86
C ASP A 119 -17.23 10.52 11.01
N PRO A 120 -15.89 10.64 11.15
CA PRO A 120 -15.17 9.84 12.14
C PRO A 120 -15.80 9.96 13.51
N ALA A 121 -16.11 8.80 14.09
CA ALA A 121 -16.71 8.72 15.41
C ALA A 121 -16.56 7.29 15.90
N VAL A 122 -15.96 7.15 17.08
CA VAL A 122 -15.81 5.84 17.70
C VAL A 122 -16.89 5.67 18.79
N TYR A 123 -17.60 4.55 18.74
CA TYR A 123 -18.75 4.31 19.62
C TYR A 123 -18.50 3.13 20.55
N GLN A 124 -19.19 3.11 21.68
CA GLN A 124 -19.16 1.97 22.59
C GLN A 124 -20.28 1.00 22.24
N LEU A 125 -19.93 -0.18 21.74
CA LEU A 125 -20.91 -1.21 21.36
C LEU A 125 -20.96 -2.32 22.39
N VAL A 135 -16.92 -3.68 24.07
CA VAL A 135 -16.31 -3.45 22.76
C VAL A 135 -16.62 -2.04 22.20
N CYS A 136 -15.63 -1.45 21.52
CA CYS A 136 -15.81 -0.16 20.82
C CYS A 136 -15.56 -0.30 19.31
N LEU A 137 -16.18 0.56 18.52
CA LEU A 137 -16.11 0.48 17.04
C LEU A 137 -15.82 1.82 16.36
N PHE A 138 -14.76 1.84 15.55
CA PHE A 138 -14.35 3.04 14.84
C PHE A 138 -14.91 2.97 13.43
N THR A 139 -15.65 4.00 13.02
CA THR A 139 -16.33 3.98 11.73
C THR A 139 -16.50 5.35 11.06
N ASP A 140 -16.83 5.32 9.76
CA ASP A 140 -17.09 6.51 8.96
C ASP A 140 -15.89 7.44 8.84
N PHE A 141 -14.74 6.86 8.52
CA PHE A 141 -13.54 7.63 8.31
C PHE A 141 -13.11 7.55 6.85
N ASP A 142 -12.11 8.34 6.47
CA ASP A 142 -11.59 8.33 5.10
C ASP A 142 -10.59 7.20 4.88
N SER A 143 -10.20 7.04 3.61
CA SER A 143 -9.18 6.05 3.25
C SER A 143 -7.80 6.51 3.69
N GLN A 144 -7.62 7.82 3.83
CA GLN A 144 -6.33 8.40 4.22
C GLN A 144 -5.98 8.09 5.67
N THR A 145 -6.70 7.13 6.26
CA THR A 145 -6.44 6.64 7.62
C THR A 145 -6.29 5.11 7.63
N ASN A 146 -5.42 4.62 8.53
CA ASN A 146 -5.19 3.20 8.72
C ASN A 146 -4.84 2.88 10.18
N VAL A 147 -5.09 1.65 10.62
CA VAL A 147 -4.84 1.23 12.00
C VAL A 147 -3.34 0.99 12.25
N SER A 153 -0.39 -4.51 23.10
CA SER A 153 -0.40 -5.96 23.21
C SER A 153 -1.49 -6.47 24.16
N ASP A 154 -2.02 -5.57 24.99
CA ASP A 154 -3.10 -5.90 25.92
C ASP A 154 -4.49 -5.91 25.23
N VAL A 155 -4.62 -5.12 24.17
CA VAL A 155 -5.87 -4.95 23.44
C VAL A 155 -5.84 -5.60 22.07
N TYR A 156 -7.02 -5.89 21.53
CA TYR A 156 -7.19 -6.41 20.18
C TYR A 156 -7.89 -5.37 19.31
N ILE A 157 -7.29 -5.04 18.17
CA ILE A 157 -7.89 -4.15 17.18
C ILE A 157 -7.91 -4.87 15.84
N THR A 158 -8.99 -4.73 15.08
CA THR A 158 -9.07 -5.35 13.75
C THR A 158 -8.76 -4.38 12.64
N ASP A 159 -8.29 -4.91 11.53
CA ASP A 159 -8.03 -4.13 10.33
C ASP A 159 -9.35 -3.58 9.81
N LYS A 160 -9.29 -2.37 9.25
CA LYS A 160 -10.46 -1.68 8.72
C LYS A 160 -11.12 -2.46 7.58
N CYS A 161 -12.45 -2.53 7.60
CA CYS A 161 -13.20 -3.19 6.55
C CYS A 161 -14.39 -2.35 6.08
N VAL A 162 -14.60 -2.31 4.76
CA VAL A 162 -15.65 -1.49 4.14
C VAL A 162 -16.90 -2.30 3.84
N LEU A 163 -18.06 -1.64 3.97
CA LEU A 163 -19.35 -2.31 3.77
C LEU A 163 -20.34 -1.46 2.96
N ASP A 164 -20.58 -1.85 1.71
CA ASP A 164 -21.49 -1.12 0.82
C ASP A 164 -22.92 -1.51 1.10
N MET A 165 -23.83 -0.60 0.82
CA MET A 165 -25.24 -0.83 1.09
C MET A 165 -26.09 -0.62 -0.16
N ARG A 166 -26.60 -1.71 -0.70
CA ARG A 166 -27.59 -1.65 -1.77
C ARG A 166 -28.74 -0.74 -1.33
N SER A 167 -29.41 -0.14 -2.30
CA SER A 167 -30.53 0.78 -2.04
C SER A 167 -30.11 2.13 -1.44
N MET A 168 -29.29 2.09 -0.39
CA MET A 168 -28.81 3.32 0.25
C MET A 168 -27.59 3.91 -0.44
N ASP A 169 -26.92 3.08 -1.24
CA ASP A 169 -25.72 3.47 -2.00
C ASP A 169 -24.70 4.22 -1.13
N PHE A 170 -24.38 3.63 0.02
CA PHE A 170 -23.45 4.20 0.99
C PHE A 170 -22.43 3.15 1.44
N LYS A 171 -21.14 3.42 1.22
CA LYS A 171 -20.07 2.52 1.64
C LYS A 171 -19.35 3.06 2.88
N SER A 172 -19.13 2.18 3.86
CA SER A 172 -18.66 2.58 5.20
C SER A 172 -17.37 1.90 5.66
N ASN A 173 -16.38 2.73 6.00
CA ASN A 173 -15.15 2.27 6.63
C ASN A 173 -15.39 2.00 8.11
N SER A 174 -14.95 0.85 8.60
CA SER A 174 -15.04 0.54 10.02
C SER A 174 -13.97 -0.44 10.48
N ALA A 175 -13.53 -0.27 11.71
CA ALA A 175 -12.57 -1.17 12.36
C ALA A 175 -12.95 -1.33 13.82
N VAL A 176 -12.86 -2.56 14.33
CA VAL A 176 -13.29 -2.87 15.69
C VAL A 176 -12.10 -2.94 16.63
N ALA A 177 -12.29 -2.41 17.85
CA ALA A 177 -11.29 -2.51 18.91
C ALA A 177 -11.92 -3.11 20.17
N TRP A 178 -11.27 -4.13 20.73
CA TRP A 178 -11.74 -4.73 21.99
C TRP A 178 -10.60 -5.33 22.81
N SER A 179 -10.74 -5.23 24.13
CA SER A 179 -9.76 -5.77 25.08
C SER A 179 -10.47 -6.30 26.32
N ASN A 180 -9.71 -6.95 27.20
CA ASN A 180 -10.27 -7.45 28.45
C ASN A 180 -9.38 -7.10 29.64
N LYS A 181 -9.63 -5.93 30.23
CA LYS A 181 -8.82 -5.42 31.33
C LYS A 181 -9.69 -4.87 32.46
N ALA A 185 -14.68 0.56 29.43
CA ALA A 185 -13.28 0.97 29.38
C ALA A 185 -12.84 1.27 27.95
N CYS A 186 -13.41 2.33 27.38
CA CYS A 186 -13.18 2.70 25.96
C CYS A 186 -11.96 3.61 25.80
N ALA A 187 -10.83 2.99 25.49
CA ALA A 187 -9.54 3.67 25.40
C ALA A 187 -9.13 4.00 23.96
N ASN A 188 -8.18 4.93 23.84
CA ASN A 188 -7.58 5.33 22.57
C ASN A 188 -7.31 4.14 21.64
N ALA A 189 -7.70 4.29 20.37
CA ALA A 189 -7.51 3.25 19.36
C ALA A 189 -6.59 3.72 18.23
N PRO A 196 -7.08 9.47 13.19
CA PRO A 196 -8.43 9.99 13.39
C PRO A 196 -8.42 11.51 13.57
N GLU A 197 -9.31 12.21 12.89
CA GLU A 197 -9.37 13.68 12.94
C GLU A 197 -10.18 14.16 14.15
N ASP A 198 -11.29 14.86 13.89
CA ASP A 198 -12.23 15.26 14.94
C ASP A 198 -13.31 14.18 15.16
N THR A 199 -12.90 13.06 15.73
CA THR A 199 -13.80 11.91 15.98
C THR A 199 -14.72 12.14 17.18
N PHE A 200 -15.95 11.64 17.11
CA PHE A 200 -16.95 11.86 18.16
C PHE A 200 -16.91 10.81 19.28
N PHE A 201 -16.73 11.30 20.51
CA PHE A 201 -16.72 10.47 21.72
C PHE A 201 -17.79 10.98 22.67
N PRO A 202 -19.05 10.47 22.53
CA PRO A 202 -20.12 10.88 23.46
C PRO A 202 -19.89 10.38 24.89
N SER A 203 -20.46 11.07 25.88
CA SER A 203 -20.23 10.73 27.29
C SER A 203 -20.86 9.39 27.71
N ASP B 1 -20.26 -22.95 -10.52
CA ASP B 1 -19.13 -23.52 -9.73
C ASP B 1 -17.96 -23.97 -10.61
N SER B 2 -16.81 -24.18 -9.96
CA SER B 2 -15.53 -24.42 -10.63
C SER B 2 -15.41 -25.74 -11.41
N GLY B 3 -16.46 -26.56 -11.39
CA GLY B 3 -16.45 -27.86 -12.06
C GLY B 3 -15.71 -28.89 -11.23
N VAL B 4 -14.47 -28.55 -10.88
CA VAL B 4 -13.62 -29.43 -10.08
C VAL B 4 -14.13 -29.51 -8.65
N THR B 5 -14.20 -30.74 -8.14
CA THR B 5 -14.58 -30.96 -6.75
C THR B 5 -13.40 -31.56 -6.00
N GLN B 6 -13.39 -31.34 -4.68
CA GLN B 6 -12.26 -31.71 -3.83
C GLN B 6 -12.75 -32.11 -2.46
N THR B 7 -12.15 -33.18 -1.92
CA THR B 7 -12.46 -33.63 -0.57
C THR B 7 -11.16 -33.86 0.20
N PRO B 8 -11.14 -33.46 1.49
CA PRO B 8 -12.21 -32.70 2.16
C PRO B 8 -11.90 -31.20 2.28
N LYS B 9 -12.94 -30.39 2.48
CA LYS B 9 -12.78 -28.95 2.72
C LYS B 9 -11.86 -28.68 3.93
N HIS B 10 -12.21 -29.24 5.09
CA HIS B 10 -11.36 -29.16 6.29
C HIS B 10 -10.49 -30.40 6.42
N LEU B 11 -9.37 -30.26 7.13
CA LEU B 11 -8.51 -31.39 7.48
C LEU B 11 -7.49 -30.98 8.54
N ILE B 12 -7.49 -31.70 9.66
CA ILE B 12 -6.58 -31.40 10.75
C ILE B 12 -5.95 -32.69 11.24
N THR B 13 -4.64 -32.66 11.45
CA THR B 13 -3.92 -33.80 12.01
C THR B 13 -2.72 -33.43 12.84
N ALA B 14 -2.33 -34.36 13.70
CA ALA B 14 -1.10 -34.21 14.47
C ALA B 14 0.06 -34.40 13.52
N THR B 15 1.22 -33.91 13.94
CA THR B 15 2.46 -34.04 13.19
C THR B 15 2.76 -35.50 12.83
N GLY B 16 3.26 -35.71 11.61
CA GLY B 16 3.70 -37.04 11.18
C GLY B 16 2.60 -38.03 10.83
N GLN B 17 1.38 -37.53 10.68
CA GLN B 17 0.23 -38.33 10.26
C GLN B 17 0.23 -38.51 8.74
N ARG B 18 -0.62 -39.39 8.24
CA ARG B 18 -0.73 -39.61 6.80
C ARG B 18 -2.16 -39.38 6.33
N VAL B 19 -2.32 -38.39 5.44
CA VAL B 19 -3.62 -38.01 4.89
C VAL B 19 -3.59 -38.07 3.38
N THR B 20 -4.74 -38.37 2.80
CA THR B 20 -4.89 -38.44 1.35
C THR B 20 -6.00 -37.51 0.91
N LEU B 21 -5.65 -36.59 0.02
CA LEU B 21 -6.61 -35.64 -0.51
C LEU B 21 -7.09 -36.14 -1.85
N ARG B 22 -8.39 -36.42 -1.93
CA ARG B 22 -9.03 -36.86 -3.18
C ARG B 22 -9.51 -35.67 -4.02
N CYS B 23 -9.38 -35.80 -5.33
CA CYS B 23 -9.87 -34.78 -6.26
C CYS B 23 -10.57 -35.38 -7.47
N SER B 24 -11.85 -35.11 -7.58
CA SER B 24 -12.60 -35.50 -8.74
C SER B 24 -12.53 -34.34 -9.72
N PRO B 25 -12.05 -34.58 -10.95
CA PRO B 25 -11.80 -33.48 -11.89
C PRO B 25 -13.08 -32.99 -12.53
N ARG B 26 -12.93 -32.05 -13.46
CA ARG B 26 -14.02 -31.63 -14.31
C ARG B 26 -14.37 -32.78 -15.25
N SER B 27 -15.62 -33.23 -15.18
CA SER B 27 -16.14 -34.30 -16.01
C SER B 27 -16.07 -33.88 -17.47
N GLY B 28 -14.98 -34.27 -18.12
CA GLY B 28 -14.71 -33.88 -19.50
C GLY B 28 -13.23 -33.64 -19.70
N ASP B 29 -12.48 -33.65 -18.60
CA ASP B 29 -11.04 -33.35 -18.60
C ASP B 29 -10.19 -34.60 -18.43
N LEU B 30 -8.92 -34.52 -18.83
CA LEU B 30 -7.96 -35.62 -18.71
C LEU B 30 -6.62 -35.19 -18.07
N SER B 31 -6.54 -33.91 -17.66
CA SER B 31 -5.41 -33.43 -16.88
C SER B 31 -5.88 -33.07 -15.48
N VAL B 32 -5.11 -33.45 -14.46
CA VAL B 32 -5.33 -32.98 -13.10
C VAL B 32 -4.02 -32.44 -12.53
N TYR B 33 -4.09 -31.31 -11.86
CA TYR B 33 -2.90 -30.64 -11.34
C TYR B 33 -3.05 -30.48 -9.84
N TRP B 34 -1.94 -30.57 -9.12
CA TRP B 34 -1.93 -30.28 -7.68
C TRP B 34 -1.00 -29.12 -7.34
N TYR B 35 -1.53 -28.15 -6.62
CA TYR B 35 -0.80 -26.96 -6.18
C TYR B 35 -0.89 -26.78 -4.67
N GLN B 36 0.24 -26.50 -4.02
CA GLN B 36 0.24 -26.21 -2.59
C GLN B 36 0.48 -24.73 -2.38
N GLN B 37 -0.26 -24.15 -1.44
CA GLN B 37 -0.12 -22.73 -1.16
C GLN B 37 -0.17 -22.41 0.34
N SER B 38 0.96 -21.94 0.86
CA SER B 38 1.05 -21.35 2.20
C SER B 38 1.32 -19.85 2.06
N LEU B 39 0.94 -19.07 3.07
CA LEU B 39 1.17 -17.62 3.05
C LEU B 39 2.62 -17.29 2.65
N ASP B 40 3.57 -17.96 3.31
CA ASP B 40 5.00 -17.84 3.04
C ASP B 40 5.46 -18.76 1.90
N GLN B 41 4.56 -18.98 0.94
CA GLN B 41 4.84 -19.73 -0.29
C GLN B 41 4.15 -19.15 -1.52
N GLY B 42 2.88 -18.74 -1.38
CA GLY B 42 2.07 -18.39 -2.54
C GLY B 42 1.75 -19.64 -3.34
N LEU B 43 1.25 -19.48 -4.55
CA LEU B 43 0.72 -20.60 -5.34
C LEU B 43 1.79 -21.43 -6.08
N GLN B 44 2.28 -22.48 -5.41
CA GLN B 44 3.35 -23.35 -5.90
C GLN B 44 2.81 -24.61 -6.59
N PHE B 45 3.44 -25.00 -7.70
CA PHE B 45 3.05 -26.19 -8.43
C PHE B 45 3.65 -27.45 -7.81
N LEU B 46 2.88 -28.53 -7.81
CA LEU B 46 3.34 -29.80 -7.23
C LEU B 46 3.51 -30.92 -8.27
N ILE B 47 2.41 -31.30 -8.93
CA ILE B 47 2.44 -32.35 -9.95
C ILE B 47 1.19 -32.35 -10.86
N GLN B 48 1.34 -32.95 -12.04
CA GLN B 48 0.26 -33.03 -13.03
C GLN B 48 0.17 -34.42 -13.64
N TYR B 49 -1.06 -34.95 -13.70
CA TYR B 49 -1.29 -36.26 -14.31
C TYR B 49 -2.18 -36.17 -15.54
N TYR B 50 -1.68 -36.64 -16.67
CA TYR B 50 -2.48 -36.68 -17.88
C TYR B 50 -3.01 -38.08 -18.17
N ASN B 51 -4.34 -38.18 -18.31
CA ASN B 51 -5.04 -39.43 -18.66
C ASN B 51 -4.63 -40.68 -17.86
N GLY B 52 -4.02 -40.47 -16.70
CA GLY B 52 -3.59 -41.55 -15.84
C GLY B 52 -2.09 -41.61 -15.68
N GLU B 53 -1.36 -41.01 -16.63
CA GLU B 53 0.10 -41.00 -16.63
C GLU B 53 0.70 -39.68 -16.11
N GLU B 54 1.90 -39.76 -15.51
CA GLU B 54 2.57 -38.60 -14.92
C GLU B 54 3.16 -37.71 -15.97
N ARG B 55 2.90 -36.41 -15.84
CA ARG B 55 3.34 -35.44 -16.83
C ARG B 55 4.39 -34.49 -16.27
N ALA B 56 3.94 -33.36 -15.72
CA ALA B 56 4.86 -32.36 -15.20
C ALA B 56 5.28 -32.66 -13.76
N LYS B 57 6.59 -32.76 -13.56
CA LYS B 57 7.16 -32.88 -12.22
C LYS B 57 7.10 -31.53 -11.52
N GLY B 58 7.12 -31.52 -10.20
CA GLY B 58 7.16 -30.27 -9.45
C GLY B 58 7.98 -30.37 -8.18
N ASN B 59 7.48 -29.78 -7.09
CA ASN B 59 8.15 -29.87 -5.79
C ASN B 59 7.39 -30.68 -4.74
N ILE B 60 6.74 -31.75 -5.19
CA ILE B 60 6.20 -32.75 -4.29
C ILE B 60 7.36 -33.38 -3.53
N LEU B 61 7.57 -32.91 -2.30
CA LEU B 61 8.62 -33.46 -1.44
C LEU B 61 8.42 -34.97 -1.33
N GLU B 62 9.53 -35.72 -1.22
CA GLU B 62 9.50 -37.19 -1.17
C GLU B 62 8.23 -37.75 -0.51
N ARG B 63 7.90 -37.18 0.65
CA ARG B 63 6.69 -37.48 1.44
C ARG B 63 5.37 -37.52 0.68
N PHE B 64 5.31 -36.84 -0.46
CA PHE B 64 4.06 -36.73 -1.21
C PHE B 64 3.96 -37.78 -2.31
N SER B 65 2.80 -38.45 -2.37
CA SER B 65 2.42 -39.29 -3.50
C SER B 65 1.27 -38.62 -4.25
N ALA B 66 1.14 -38.97 -5.52
CA ALA B 66 0.07 -38.44 -6.36
C ALA B 66 -0.31 -39.47 -7.40
N GLN B 67 -1.60 -39.75 -7.50
CA GLN B 67 -2.11 -40.73 -8.45
C GLN B 67 -3.36 -40.24 -9.15
N GLN B 68 -3.37 -40.35 -10.47
CA GLN B 68 -4.62 -40.29 -11.20
C GLN B 68 -5.10 -41.73 -11.38
N PHE B 69 -6.36 -41.97 -11.03
CA PHE B 69 -6.95 -43.29 -11.17
C PHE B 69 -7.53 -43.46 -12.57
N PRO B 70 -7.95 -44.68 -12.93
CA PRO B 70 -8.50 -44.90 -14.27
C PRO B 70 -9.70 -44.00 -14.60
N ASP B 71 -10.48 -43.62 -13.58
CA ASP B 71 -11.68 -42.79 -13.79
C ASP B 71 -11.34 -41.30 -13.87
N LEU B 72 -10.04 -41.01 -13.93
CA LEU B 72 -9.49 -39.67 -14.10
C LEU B 72 -9.52 -38.80 -12.84
N HIS B 73 -9.93 -39.39 -11.72
CA HIS B 73 -9.92 -38.70 -10.43
C HIS B 73 -8.65 -39.00 -9.65
N SER B 74 -8.12 -37.98 -8.98
CA SER B 74 -6.79 -38.03 -8.39
C SER B 74 -6.79 -38.07 -6.87
N GLU B 75 -5.84 -38.84 -6.34
CA GLU B 75 -5.53 -38.83 -4.91
C GLU B 75 -4.16 -38.20 -4.73
N LEU B 76 -3.94 -37.57 -3.59
CA LEU B 76 -2.65 -36.97 -3.29
C LEU B 76 -2.34 -37.21 -1.84
N ASN B 77 -1.31 -38.01 -1.60
CA ASN B 77 -0.91 -38.34 -0.25
C ASN B 77 0.19 -37.41 0.24
N LEU B 78 0.15 -37.09 1.52
CA LEU B 78 1.14 -36.23 2.14
C LEU B 78 1.57 -36.89 3.46
N SER B 79 2.57 -37.77 3.36
CA SER B 79 3.04 -38.58 4.49
C SER B 79 3.95 -37.81 5.45
N SER B 80 4.09 -38.34 6.67
CA SER B 80 4.99 -37.80 7.72
C SER B 80 4.92 -36.28 7.85
N LEU B 81 3.72 -35.80 8.20
CA LEU B 81 3.37 -34.38 8.17
C LEU B 81 4.17 -33.46 9.07
N GLU B 82 4.87 -32.51 8.45
CA GLU B 82 5.53 -31.44 9.19
C GLU B 82 4.56 -30.29 9.46
N LEU B 83 4.90 -29.43 10.43
CA LEU B 83 4.13 -28.23 10.72
C LEU B 83 4.10 -27.28 9.53
N GLY B 84 5.19 -27.25 8.76
CA GLY B 84 5.30 -26.46 7.55
C GLY B 84 4.37 -26.93 6.43
N ASP B 85 3.96 -28.20 6.50
CA ASP B 85 3.03 -28.77 5.53
C ASP B 85 1.64 -28.16 5.62
N SER B 86 1.37 -27.43 6.70
CA SER B 86 0.16 -26.62 6.79
C SER B 86 0.09 -25.61 5.65
N ALA B 87 -0.82 -25.90 4.71
CA ALA B 87 -1.06 -25.06 3.55
C ALA B 87 -2.43 -25.32 2.94
N LEU B 88 -2.77 -24.50 1.95
CA LEU B 88 -4.01 -24.67 1.20
C LEU B 88 -3.69 -25.45 -0.07
N TYR B 89 -4.34 -26.60 -0.22
CA TYR B 89 -4.08 -27.52 -1.32
C TYR B 89 -5.13 -27.44 -2.41
N PHE B 90 -4.67 -27.16 -3.63
CA PHE B 90 -5.56 -26.95 -4.76
C PHE B 90 -5.40 -27.98 -5.85
N CYS B 91 -6.50 -28.61 -6.19
CA CYS B 91 -6.56 -29.46 -7.35
C CYS B 91 -7.00 -28.62 -8.54
N ALA B 92 -6.63 -29.06 -9.74
CA ALA B 92 -6.98 -28.36 -10.97
C ALA B 92 -7.17 -29.35 -12.12
N SER B 93 -7.88 -28.92 -13.17
CA SER B 93 -8.16 -29.78 -14.33
C SER B 93 -8.18 -29.07 -15.69
N SER B 94 -7.81 -29.81 -16.73
CA SER B 94 -7.66 -29.28 -18.08
C SER B 94 -7.94 -30.35 -19.12
N VAL B 95 -8.29 -29.91 -20.33
CA VAL B 95 -8.65 -30.82 -21.43
C VAL B 95 -7.47 -31.63 -22.00
N ALA B 96 -6.42 -30.95 -22.46
CA ALA B 96 -5.25 -31.63 -23.00
C ALA B 96 -4.02 -31.55 -22.07
N VAL B 97 -2.93 -32.17 -22.51
CA VAL B 97 -1.69 -32.26 -21.74
C VAL B 97 -1.15 -30.88 -21.37
N SER B 98 -0.96 -30.02 -22.36
CA SER B 98 -0.53 -28.64 -22.12
C SER B 98 -1.74 -27.73 -21.93
N ALA B 99 -1.61 -26.74 -21.06
CA ALA B 99 -2.69 -25.79 -20.79
C ALA B 99 -2.59 -24.52 -21.65
N GLY B 100 -1.93 -24.64 -22.80
CA GLY B 100 -1.76 -23.51 -23.70
C GLY B 100 -3.08 -23.07 -24.30
N THR B 101 -3.58 -23.89 -25.23
CA THR B 101 -4.86 -23.64 -25.88
C THR B 101 -6.00 -23.76 -24.87
N TYR B 102 -6.23 -24.97 -24.35
CA TYR B 102 -7.31 -25.27 -23.41
C TYR B 102 -6.90 -25.13 -21.93
N GLU B 103 -7.54 -24.18 -21.22
CA GLU B 103 -7.08 -23.67 -19.92
C GLU B 103 -7.37 -24.53 -18.66
N GLN B 104 -6.86 -24.06 -17.53
CA GLN B 104 -7.00 -24.70 -16.22
C GLN B 104 -8.27 -24.31 -15.47
N TYR B 105 -8.72 -25.20 -14.61
CA TYR B 105 -9.81 -24.93 -13.67
C TYR B 105 -9.56 -25.55 -12.28
N PHE B 106 -9.56 -24.69 -11.27
CA PHE B 106 -9.27 -25.08 -9.89
C PHE B 106 -10.52 -25.40 -9.09
N GLY B 107 -10.42 -26.38 -8.20
CA GLY B 107 -11.47 -26.66 -7.22
C GLY B 107 -11.37 -25.70 -6.05
N PRO B 108 -12.26 -25.85 -5.04
CA PRO B 108 -12.33 -24.89 -3.93
C PRO B 108 -11.14 -25.04 -2.97
N GLY B 109 -10.54 -26.23 -2.95
CA GLY B 109 -9.30 -26.48 -2.23
C GLY B 109 -9.44 -27.11 -0.86
N THR B 110 -8.39 -27.80 -0.45
CA THR B 110 -8.29 -28.39 0.88
C THR B 110 -7.40 -27.55 1.79
N ARG B 111 -7.86 -27.32 3.03
CA ARG B 111 -7.04 -26.62 4.00
C ARG B 111 -6.50 -27.64 4.99
N LEU B 112 -5.22 -27.94 4.88
CA LEU B 112 -4.60 -28.87 5.79
C LEU B 112 -3.95 -28.12 6.93
N THR B 113 -4.38 -28.42 8.15
CA THR B 113 -3.73 -27.89 9.35
C THR B 113 -3.04 -29.01 10.12
N VAL B 114 -1.71 -28.93 10.17
CA VAL B 114 -0.89 -29.88 10.90
C VAL B 114 -0.50 -29.23 12.22
N THR B 115 -0.99 -29.78 13.32
CA THR B 115 -0.74 -29.20 14.64
C THR B 115 0.02 -30.18 15.55
N GLU B 116 0.66 -29.64 16.60
CA GLU B 116 1.46 -30.45 17.52
C GLU B 116 0.60 -31.35 18.39
N ASP B 117 -0.58 -30.86 18.75
CA ASP B 117 -1.53 -31.61 19.56
C ASP B 117 -2.96 -31.21 19.20
N LEU B 118 -3.83 -32.19 18.98
CA LEU B 118 -5.22 -31.93 18.63
C LEU B 118 -6.00 -31.26 19.76
N LYS B 119 -5.36 -31.16 20.92
CA LYS B 119 -5.91 -30.38 22.03
C LYS B 119 -5.88 -28.89 21.69
N ASN B 120 -5.12 -28.53 20.65
CA ASN B 120 -5.04 -27.15 20.18
C ASN B 120 -6.32 -26.65 19.50
N VAL B 121 -7.11 -27.57 18.97
CA VAL B 121 -8.35 -27.26 18.27
C VAL B 121 -9.42 -26.73 19.22
N PHE B 122 -9.99 -25.59 18.88
CA PHE B 122 -11.03 -24.98 19.71
C PHE B 122 -12.21 -24.42 18.93
N PRO B 123 -13.44 -24.67 19.40
CA PRO B 123 -14.63 -24.02 18.86
C PRO B 123 -14.56 -22.53 19.10
N PRO B 124 -15.23 -21.75 18.25
CA PRO B 124 -15.27 -20.32 18.44
C PRO B 124 -16.39 -19.90 19.37
N GLU B 125 -16.06 -19.10 20.37
CA GLU B 125 -17.07 -18.36 21.11
C GLU B 125 -17.62 -17.32 20.12
N VAL B 126 -18.90 -17.04 20.21
CA VAL B 126 -19.55 -16.11 19.29
C VAL B 126 -20.47 -15.16 20.04
N ALA B 127 -20.39 -13.86 19.73
CA ALA B 127 -21.22 -12.86 20.37
C ALA B 127 -21.56 -11.68 19.46
N VAL B 128 -22.85 -11.45 19.26
CA VAL B 128 -23.34 -10.28 18.52
C VAL B 128 -23.53 -9.12 19.50
N PHE B 129 -22.86 -8.01 19.25
CA PHE B 129 -22.99 -6.82 20.09
C PHE B 129 -23.89 -5.78 19.44
N GLU B 130 -24.99 -5.46 20.12
CA GLU B 130 -26.01 -4.55 19.63
C GLU B 130 -25.44 -3.14 19.47
N PRO B 131 -25.92 -2.36 18.48
CA PRO B 131 -25.32 -1.05 18.20
C PRO B 131 -25.45 -0.05 19.34
N SER B 132 -24.54 0.93 19.35
CA SER B 132 -24.59 2.03 20.33
C SER B 132 -25.81 2.90 20.07
N GLU B 133 -26.36 3.46 21.15
CA GLU B 133 -27.47 4.39 21.04
C GLU B 133 -26.97 5.70 20.43
N ALA B 134 -25.66 5.91 20.52
CA ALA B 134 -25.01 7.11 19.98
C ALA B 134 -24.98 7.14 18.45
N GLU B 135 -24.58 6.03 17.83
CA GLU B 135 -24.54 5.93 16.37
C GLU B 135 -25.85 6.38 15.74
N ILE B 136 -26.95 6.01 16.38
CA ILE B 136 -28.28 6.44 15.96
C ILE B 136 -28.48 7.96 16.12
N SER B 137 -28.04 8.51 17.25
CA SER B 137 -28.20 9.94 17.55
C SER B 137 -27.32 10.83 16.69
N HIS B 138 -26.29 10.22 16.11
CA HIS B 138 -25.32 10.92 15.27
C HIS B 138 -25.57 10.63 13.79
N THR B 139 -25.44 9.37 13.41
CA THR B 139 -25.47 8.94 11.99
C THR B 139 -26.85 8.56 11.49
N GLN B 140 -27.84 8.54 12.37
CA GLN B 140 -29.16 7.95 12.09
C GLN B 140 -29.01 6.63 11.32
N LYS B 141 -28.03 5.84 11.78
CA LYS B 141 -27.79 4.47 11.32
C LYS B 141 -27.39 3.60 12.51
N ALA B 142 -27.34 2.30 12.29
CA ALA B 142 -27.05 1.36 13.38
C ALA B 142 -26.06 0.30 12.93
N THR B 143 -25.01 0.10 13.71
CA THR B 143 -24.04 -0.94 13.37
C THR B 143 -23.93 -2.06 14.41
N LEU B 144 -24.39 -3.25 14.01
CA LEU B 144 -24.20 -4.44 14.80
C LEU B 144 -22.80 -4.95 14.58
N VAL B 145 -22.26 -5.57 15.62
CA VAL B 145 -20.97 -6.22 15.56
C VAL B 145 -21.19 -7.67 15.92
N CYS B 146 -20.41 -8.54 15.29
CA CYS B 146 -20.30 -9.91 15.73
C CYS B 146 -18.86 -10.23 16.03
N LEU B 147 -18.59 -10.64 17.28
CA LEU B 147 -17.28 -11.14 17.67
C LEU B 147 -17.29 -12.68 17.70
N ALA B 148 -16.44 -13.29 16.88
CA ALA B 148 -16.21 -14.73 16.92
C ALA B 148 -14.86 -14.92 17.57
N THR B 149 -14.83 -15.61 18.71
CA THR B 149 -13.65 -15.54 19.57
C THR B 149 -13.11 -16.87 20.07
N GLY B 150 -11.79 -16.98 20.07
CA GLY B 150 -11.09 -18.12 20.68
C GLY B 150 -11.24 -19.43 19.94
N PHE B 151 -10.85 -19.44 18.67
CA PHE B 151 -10.89 -20.64 17.85
C PHE B 151 -9.51 -21.03 17.29
N TYR B 152 -9.28 -22.33 17.19
CA TYR B 152 -8.10 -22.87 16.50
C TYR B 152 -8.45 -24.14 15.74
N PRO B 153 -8.06 -24.22 14.45
CA PRO B 153 -7.41 -23.16 13.69
C PRO B 153 -8.46 -22.17 13.15
N ASP B 154 -8.09 -21.35 12.18
CA ASP B 154 -9.03 -20.33 11.69
C ASP B 154 -9.92 -20.74 10.50
N HIS B 155 -10.34 -22.01 10.48
CA HIS B 155 -11.41 -22.45 9.59
C HIS B 155 -12.68 -21.81 10.12
N VAL B 156 -13.02 -20.64 9.62
CA VAL B 156 -14.24 -20.00 10.09
C VAL B 156 -14.89 -19.26 8.93
N GLU B 157 -16.19 -19.50 8.77
CA GLU B 157 -16.96 -18.80 7.76
C GLU B 157 -18.13 -18.12 8.46
N LEU B 158 -18.10 -16.79 8.51
CA LEU B 158 -19.15 -16.01 9.16
C LEU B 158 -20.26 -15.65 8.18
N SER B 159 -21.49 -15.54 8.70
CA SER B 159 -22.67 -15.23 7.89
C SER B 159 -23.74 -14.50 8.70
N TRP B 160 -24.43 -13.56 8.06
CA TRP B 160 -25.49 -12.79 8.71
C TRP B 160 -26.85 -13.15 8.13
N TRP B 161 -27.80 -13.38 9.02
CA TRP B 161 -29.14 -13.81 8.65
C TRP B 161 -30.19 -12.90 9.27
N VAL B 162 -30.71 -11.96 8.48
CA VAL B 162 -31.75 -11.08 8.99
C VAL B 162 -33.11 -11.57 8.57
N ASN B 163 -34.04 -11.61 9.53
CA ASN B 163 -35.40 -12.09 9.31
C ASN B 163 -35.42 -13.46 8.63
N GLY B 164 -34.50 -14.32 9.04
CA GLY B 164 -34.43 -15.69 8.55
C GLY B 164 -33.69 -15.84 7.24
N LYS B 165 -33.69 -14.77 6.43
CA LYS B 165 -33.00 -14.74 5.15
C LYS B 165 -31.53 -14.37 5.36
N GLU B 166 -30.66 -14.80 4.44
CA GLU B 166 -29.23 -14.46 4.49
C GLU B 166 -28.94 -13.15 3.78
N VAL B 167 -28.21 -12.26 4.45
CA VAL B 167 -27.91 -10.95 3.89
C VAL B 167 -26.45 -10.81 3.52
N HIS B 168 -26.21 -10.34 2.29
CA HIS B 168 -24.86 -10.08 1.83
C HIS B 168 -24.57 -8.59 1.80
N SER B 169 -25.62 -7.78 1.68
CA SER B 169 -25.50 -6.32 1.75
C SER B 169 -25.54 -5.83 3.20
N GLY B 170 -24.81 -4.74 3.44
CA GLY B 170 -24.69 -4.14 4.77
C GLY B 170 -23.72 -4.89 5.65
N VAL B 171 -22.98 -5.80 5.03
CA VAL B 171 -22.11 -6.74 5.74
C VAL B 171 -20.63 -6.50 5.47
N CYS B 172 -19.83 -6.75 6.49
CA CYS B 172 -18.39 -6.53 6.44
C CYS B 172 -17.70 -7.44 7.45
N THR B 173 -16.67 -8.14 7.00
CA THR B 173 -15.86 -9.02 7.87
C THR B 173 -14.38 -8.87 7.56
N ASP B 174 -13.56 -9.07 8.59
CA ASP B 174 -12.11 -9.02 8.44
C ASP B 174 -11.63 -10.21 7.60
N PRO B 175 -10.87 -9.94 6.53
CA PRO B 175 -10.26 -11.01 5.75
C PRO B 175 -9.40 -11.90 6.66
N GLN B 176 -8.42 -11.29 7.34
CA GLN B 176 -7.57 -12.02 8.28
C GLN B 176 -8.14 -11.95 9.72
N PRO B 177 -8.24 -13.12 10.38
CA PRO B 177 -8.66 -13.20 11.78
C PRO B 177 -7.51 -12.90 12.75
N LEU B 178 -7.81 -12.16 13.80
CA LEU B 178 -6.81 -11.64 14.74
C LEU B 178 -6.33 -12.72 15.70
N LYS B 179 -5.01 -12.88 15.82
CA LYS B 179 -4.41 -13.79 16.80
C LYS B 179 -4.68 -13.24 18.19
N GLU B 180 -4.82 -14.13 19.18
CA GLU B 180 -5.08 -13.66 20.55
C GLU B 180 -3.80 -13.54 21.38
N GLN B 181 -2.96 -14.58 21.33
CA GLN B 181 -1.61 -14.49 21.88
C GLN B 181 -0.59 -14.58 20.73
N PRO B 182 -0.34 -13.44 20.05
CA PRO B 182 0.51 -13.42 18.85
C PRO B 182 1.82 -14.18 19.03
N ALA B 183 2.30 -14.21 20.28
CA ALA B 183 3.58 -14.80 20.62
C ALA B 183 3.57 -16.33 20.65
N LEU B 184 2.41 -16.90 20.97
CA LEU B 184 2.26 -18.35 21.05
C LEU B 184 2.24 -18.97 19.66
N ASN B 185 2.94 -20.10 19.51
CA ASN B 185 3.04 -20.81 18.23
C ASN B 185 1.68 -21.22 17.69
N ASP B 186 0.86 -21.79 18.57
CA ASP B 186 -0.48 -22.26 18.24
C ASP B 186 -1.52 -21.40 18.91
N SER B 187 -1.47 -20.10 18.67
CA SER B 187 -2.44 -19.17 19.25
C SER B 187 -3.86 -19.44 18.75
N ARG B 188 -4.85 -19.09 19.56
CA ARG B 188 -6.24 -19.12 19.13
C ARG B 188 -6.60 -17.82 18.41
N TYR B 189 -7.51 -17.89 17.45
CA TYR B 189 -7.83 -16.71 16.65
C TYR B 189 -9.18 -16.08 17.01
N ALA B 190 -9.38 -14.83 16.57
CA ALA B 190 -10.62 -14.09 16.82
C ALA B 190 -11.00 -13.26 15.61
N LEU B 191 -12.27 -13.34 15.22
CA LEU B 191 -12.78 -12.67 14.02
C LEU B 191 -13.92 -11.72 14.36
N SER B 192 -13.93 -10.56 13.71
CA SER B 192 -14.98 -9.56 13.92
C SER B 192 -15.71 -9.28 12.62
N SER B 193 -17.01 -9.05 12.71
CA SER B 193 -17.81 -8.78 11.52
C SER B 193 -18.92 -7.79 11.84
N ARG B 194 -19.13 -6.82 10.95
CA ARG B 194 -20.17 -5.81 11.15
C ARG B 194 -21.35 -5.97 10.18
N LEU B 195 -22.55 -5.75 10.69
CA LEU B 195 -23.74 -5.59 9.87
C LEU B 195 -24.37 -4.26 10.21
N ARG B 196 -24.27 -3.30 9.29
CA ARG B 196 -24.95 -2.02 9.47
C ARG B 196 -26.33 -2.09 8.85
N VAL B 197 -27.31 -1.62 9.62
CA VAL B 197 -28.67 -1.47 9.13
C VAL B 197 -29.09 -0.01 9.30
N SER B 198 -30.21 0.39 8.69
CA SER B 198 -30.76 1.71 8.92
C SER B 198 -31.20 1.85 10.39
N ALA B 199 -31.42 3.08 10.82
CA ALA B 199 -31.85 3.38 12.18
C ALA B 199 -33.20 2.71 12.48
N THR B 200 -34.18 2.98 11.63
CA THR B 200 -35.54 2.48 11.80
C THR B 200 -35.57 0.95 11.82
N PHE B 201 -34.76 0.34 10.96
CA PHE B 201 -34.67 -1.11 10.86
C PHE B 201 -34.21 -1.75 12.18
N TRP B 202 -33.28 -1.11 12.87
CA TRP B 202 -32.89 -1.56 14.20
C TRP B 202 -33.98 -1.26 15.22
N GLN B 203 -34.68 -0.14 15.03
CA GLN B 203 -35.74 0.28 15.95
C GLN B 203 -37.03 -0.56 15.83
N ASN B 204 -37.00 -1.58 14.97
CA ASN B 204 -38.14 -2.47 14.77
C ASN B 204 -37.92 -3.81 15.47
N PRO B 205 -38.88 -4.22 16.32
CA PRO B 205 -38.76 -5.50 17.01
C PRO B 205 -39.11 -6.69 16.12
N ARG B 206 -39.81 -6.44 15.02
CA ARG B 206 -40.19 -7.52 14.10
C ARG B 206 -38.98 -8.06 13.33
N ASN B 207 -37.87 -7.33 13.39
CA ASN B 207 -36.63 -7.71 12.72
C ASN B 207 -35.65 -8.45 13.64
N HIS B 208 -35.24 -9.64 13.21
CA HIS B 208 -34.35 -10.51 13.98
C HIS B 208 -32.99 -10.67 13.28
N PHE B 209 -31.92 -10.56 14.06
CA PHE B 209 -30.56 -10.60 13.52
C PHE B 209 -29.82 -11.85 14.00
N ARG B 210 -29.13 -12.53 13.08
CA ARG B 210 -28.33 -13.71 13.40
C ARG B 210 -26.93 -13.70 12.82
N CYS B 211 -25.94 -13.67 13.69
CA CYS B 211 -24.59 -13.91 13.28
C CYS B 211 -24.32 -15.38 13.49
N GLN B 212 -23.92 -16.02 12.39
CA GLN B 212 -23.73 -17.44 12.36
C GLN B 212 -22.33 -17.77 11.82
N VAL B 213 -21.65 -18.65 12.53
CA VAL B 213 -20.27 -18.96 12.23
C VAL B 213 -20.08 -20.45 12.00
N GLN B 214 -19.60 -20.77 10.81
CA GLN B 214 -19.21 -22.13 10.49
C GLN B 214 -17.79 -22.38 10.97
N PHE B 215 -17.61 -23.48 11.70
CA PHE B 215 -16.27 -23.85 12.17
C PHE B 215 -15.84 -25.27 11.80
N TYR B 216 -14.89 -25.34 10.88
CA TYR B 216 -14.37 -26.60 10.43
C TYR B 216 -13.34 -27.14 11.44
N GLY B 217 -13.85 -27.87 12.43
CA GLY B 217 -13.04 -28.42 13.52
C GLY B 217 -12.68 -29.89 13.40
N LEU B 218 -12.71 -30.60 14.52
CA LEU B 218 -12.25 -31.99 14.57
C LEU B 218 -13.20 -32.96 13.90
N SER B 219 -12.64 -34.07 13.42
CA SER B 219 -13.42 -35.11 12.78
C SER B 219 -14.25 -35.88 13.80
N GLU B 220 -15.26 -36.59 13.30
CA GLU B 220 -15.98 -37.58 14.07
C GLU B 220 -15.22 -38.92 14.00
N ASN B 221 -14.11 -38.91 13.25
CA ASN B 221 -13.21 -40.06 13.15
C ASN B 221 -11.91 -39.85 13.92
N ASP B 222 -11.81 -38.73 14.65
CA ASP B 222 -10.66 -38.44 15.49
C ASP B 222 -10.90 -38.91 16.91
N GLU B 223 -9.90 -39.51 17.53
CA GLU B 223 -10.00 -39.94 18.93
C GLU B 223 -9.98 -38.74 19.89
N TRP B 224 -10.89 -38.75 20.87
CA TRP B 224 -11.00 -37.67 21.86
C TRP B 224 -11.13 -38.19 23.30
N THR B 225 -10.51 -37.49 24.25
CA THR B 225 -10.42 -37.98 25.63
C THR B 225 -10.63 -36.91 26.70
N GLN B 226 -10.62 -35.65 26.28
CA GLN B 226 -10.79 -34.54 27.21
C GLN B 226 -12.14 -34.54 27.89
N ASP B 227 -12.16 -34.03 29.11
CA ASP B 227 -13.40 -33.88 29.87
C ASP B 227 -14.27 -32.84 29.18
N ARG B 228 -13.61 -31.84 28.59
CA ARG B 228 -14.30 -30.80 27.84
C ARG B 228 -14.87 -31.35 26.55
N ALA B 229 -15.94 -30.73 26.06
CA ALA B 229 -16.63 -31.20 24.86
C ALA B 229 -15.70 -31.23 23.66
N LYS B 230 -15.91 -32.18 22.76
CA LYS B 230 -15.12 -32.33 21.54
C LYS B 230 -15.29 -31.14 20.57
N PRO B 231 -14.17 -30.53 20.17
CA PRO B 231 -14.20 -29.35 19.31
C PRO B 231 -14.43 -29.69 17.84
N VAL B 232 -15.57 -30.33 17.57
CA VAL B 232 -15.88 -30.83 16.22
C VAL B 232 -16.26 -29.72 15.25
N THR B 233 -16.35 -30.09 13.97
CA THR B 233 -16.85 -29.20 12.95
C THR B 233 -18.29 -28.86 13.28
N GLN B 234 -18.58 -27.57 13.45
CA GLN B 234 -19.86 -27.13 13.98
C GLN B 234 -20.16 -25.66 13.73
N ILE B 235 -21.44 -25.32 13.77
CA ILE B 235 -21.91 -23.95 13.70
C ILE B 235 -22.22 -23.41 15.11
N VAL B 236 -21.64 -22.26 15.44
CA VAL B 236 -21.96 -21.56 16.67
C VAL B 236 -22.70 -20.29 16.24
N SER B 237 -23.70 -19.86 17.00
CA SER B 237 -24.55 -18.76 16.53
C SER B 237 -24.99 -17.78 17.60
N ALA B 238 -25.17 -16.54 17.19
CA ALA B 238 -25.71 -15.50 18.06
C ALA B 238 -26.93 -14.82 17.41
N GLU B 239 -28.03 -14.78 18.14
CA GLU B 239 -29.25 -14.13 17.69
C GLU B 239 -29.40 -12.76 18.35
N ALA B 240 -30.24 -11.90 17.79
CA ALA B 240 -30.50 -10.60 18.36
C ALA B 240 -31.74 -9.96 17.74
N TRP B 241 -32.71 -9.63 18.59
CA TRP B 241 -33.91 -8.95 18.13
C TRP B 241 -33.70 -7.43 18.19
N GLY B 242 -34.49 -6.68 17.41
CA GLY B 242 -34.41 -5.22 17.39
C GLY B 242 -34.98 -4.56 18.63
N ARG B 243 -34.22 -3.62 19.21
CA ARG B 243 -34.66 -2.88 20.39
C ARG B 243 -35.20 -1.50 20.03
N ALA B 244 -36.44 -1.22 20.46
CA ALA B 244 -37.13 0.03 20.15
C ALA B 244 -36.52 1.25 20.86
N ASP C 1 19.08 21.93 -14.21
CA ASP C 1 18.04 22.57 -13.36
C ASP C 1 16.79 22.95 -14.15
N SER C 2 15.71 23.23 -13.41
CA SER C 2 14.36 23.40 -13.98
C SER C 2 14.19 24.65 -14.87
N GLY C 3 15.23 25.46 -15.00
CA GLY C 3 15.17 26.70 -15.77
C GLY C 3 14.49 27.78 -14.97
N VAL C 4 13.28 27.50 -14.49
CA VAL C 4 12.50 28.43 -13.69
C VAL C 4 13.14 28.63 -12.32
N THR C 5 13.27 29.88 -11.92
CA THR C 5 13.77 30.23 -10.59
C THR C 5 12.66 30.88 -9.79
N GLN C 6 12.77 30.78 -8.48
CA GLN C 6 11.72 31.23 -7.56
C GLN C 6 12.34 31.75 -6.27
N THR C 7 11.80 32.86 -5.79
CA THR C 7 12.23 33.42 -4.51
C THR C 7 11.03 33.72 -3.63
N PRO C 8 11.14 33.44 -2.32
CA PRO C 8 12.26 32.74 -1.69
C PRO C 8 11.97 31.26 -1.43
N LYS C 9 13.02 30.47 -1.22
CA LYS C 9 12.88 29.06 -0.86
C LYS C 9 12.08 28.89 0.44
N HIS C 10 12.52 29.55 1.52
CA HIS C 10 11.77 29.57 2.78
C HIS C 10 10.91 30.83 2.89
N LEU C 11 9.86 30.76 3.69
CA LEU C 11 9.05 31.93 4.03
C LEU C 11 8.14 31.59 5.21
N ILE C 12 8.24 32.40 6.26
CA ILE C 12 7.44 32.18 7.47
C ILE C 12 6.86 33.50 7.92
N THR C 13 5.57 33.49 8.25
CA THR C 13 4.92 34.69 8.76
C THR C 13 3.80 34.39 9.73
N ALA C 14 3.48 35.38 10.56
CA ALA C 14 2.33 35.31 11.44
C ALA C 14 1.07 35.43 10.59
N THR C 15 -0.03 34.97 11.16
CA THR C 15 -1.34 35.05 10.52
C THR C 15 -1.65 36.46 10.05
N GLY C 16 -2.25 36.59 8.87
CA GLY C 16 -2.74 37.87 8.38
C GLY C 16 -1.69 38.82 7.84
N GLN C 17 -0.48 38.31 7.63
CA GLN C 17 0.62 39.09 7.05
C GLN C 17 0.47 39.14 5.54
N ARG C 18 1.28 39.98 4.88
CA ARG C 18 1.25 40.08 3.42
C ARG C 18 2.63 39.81 2.83
N VAL C 19 2.70 38.75 2.02
CA VAL C 19 3.94 38.30 1.40
C VAL C 19 3.77 38.19 -0.11
N THR C 20 4.85 38.45 -0.82
CA THR C 20 4.85 38.40 -2.28
C THR C 20 5.90 37.44 -2.74
N LEU C 21 5.50 36.44 -3.52
CA LEU C 21 6.41 35.45 -4.06
C LEU C 21 6.76 35.83 -5.48
N ARG C 22 8.05 36.09 -5.72
CA ARG C 22 8.55 36.43 -7.06
C ARG C 22 8.99 35.18 -7.83
N CYS C 23 8.76 35.21 -9.13
CA CYS C 23 9.14 34.11 -10.01
C CYS C 23 9.73 34.61 -11.32
N SER C 24 11.01 34.36 -11.52
CA SER C 24 11.64 34.62 -12.79
C SER C 24 11.45 33.37 -13.64
N PRO C 25 10.84 33.51 -14.84
CA PRO C 25 10.52 32.34 -15.66
C PRO C 25 11.73 31.78 -16.39
N ARG C 26 11.49 30.77 -17.20
CA ARG C 26 12.49 30.27 -18.10
C ARG C 26 12.74 31.34 -19.17
N SER C 27 13.99 31.78 -19.25
CA SER C 27 14.43 32.77 -20.23
C SER C 27 14.24 32.22 -21.64
N GLY C 28 13.11 32.56 -22.24
CA GLY C 28 12.70 32.06 -23.54
C GLY C 28 11.22 31.79 -23.57
N ASP C 29 10.57 31.92 -22.40
CA ASP C 29 9.14 31.64 -22.25
C ASP C 29 8.29 32.91 -22.09
N LEU C 30 7.00 32.80 -22.37
CA LEU C 30 6.06 33.92 -22.24
C LEU C 30 4.79 33.55 -21.45
N SER C 31 4.75 32.33 -20.92
CA SER C 31 3.68 31.91 -20.01
C SER C 31 4.27 31.65 -18.64
N VAL C 32 3.60 32.13 -17.60
CA VAL C 32 3.93 31.75 -16.22
C VAL C 32 2.68 31.25 -15.49
N TYR C 33 2.83 30.20 -14.71
CA TYR C 33 1.71 29.58 -14.03
C TYR C 33 1.99 29.56 -12.55
N TRP C 34 0.94 29.68 -11.73
CA TRP C 34 1.07 29.54 -10.28
C TRP C 34 0.19 28.42 -9.77
N TYR C 35 0.80 27.51 -9.01
CA TYR C 35 0.12 26.36 -8.42
C TYR C 35 0.34 26.32 -6.92
N GLN C 36 -0.73 26.11 -6.15
CA GLN C 36 -0.61 25.92 -4.71
C GLN C 36 -0.81 24.46 -4.34
N GLN C 37 0.02 23.95 -3.44
CA GLN C 37 -0.09 22.56 -3.02
C GLN C 37 0.09 22.36 -1.52
N SER C 38 -0.98 21.94 -0.86
CA SER C 38 -0.93 21.48 0.52
C SER C 38 -1.21 19.98 0.54
N LEU C 39 -0.73 19.29 1.57
CA LEU C 39 -0.95 17.85 1.70
C LEU C 39 -2.42 17.49 1.47
N ASP C 40 -3.30 18.22 2.14
CA ASP C 40 -4.77 18.08 2.02
C ASP C 40 -5.33 18.91 0.85
N GLN C 41 -4.55 19.01 -0.21
CA GLN C 41 -4.96 19.66 -1.45
C GLN C 41 -4.37 18.98 -2.70
N GLY C 42 -3.10 18.58 -2.63
CA GLY C 42 -2.39 18.13 -3.82
C GLY C 42 -2.16 19.33 -4.74
N LEU C 43 -1.77 19.05 -5.99
CA LEU C 43 -1.32 20.09 -6.91
C LEU C 43 -2.44 20.87 -7.61
N GLN C 44 -2.86 21.97 -6.97
CA GLN C 44 -3.97 22.81 -7.43
C GLN C 44 -3.50 24.01 -8.29
N PHE C 45 -4.23 24.29 -9.37
CA PHE C 45 -3.91 25.44 -10.23
C PHE C 45 -4.45 26.74 -9.67
N LEU C 46 -3.68 27.81 -9.83
CA LEU C 46 -4.10 29.12 -9.33
C LEU C 46 -4.37 30.16 -10.41
N ILE C 47 -3.35 30.50 -11.20
CA ILE C 47 -3.48 31.46 -12.30
C ILE C 47 -2.33 31.39 -13.32
N GLN C 48 -2.59 31.84 -14.55
CA GLN C 48 -1.60 31.83 -15.62
C GLN C 48 -1.56 33.18 -16.34
N TYR C 49 -0.35 33.69 -16.56
CA TYR C 49 -0.18 34.94 -17.31
C TYR C 49 0.59 34.75 -18.60
N TYR C 50 -0.03 35.13 -19.71
CA TYR C 50 0.66 35.06 -20.99
C TYR C 50 1.16 36.43 -21.43
N ASN C 51 2.46 36.51 -21.70
CA ASN C 51 3.14 37.71 -22.22
C ASN C 51 2.81 39.02 -21.50
N GLY C 52 2.31 38.91 -20.27
CA GLY C 52 1.95 40.06 -19.48
C GLY C 52 0.47 40.15 -19.18
N GLU C 53 -0.34 39.47 -20.01
CA GLU C 53 -1.80 39.50 -19.86
C GLU C 53 -2.34 38.22 -19.17
N GLU C 54 -3.49 38.36 -18.49
CA GLU C 54 -4.08 37.26 -17.73
C GLU C 54 -4.77 36.28 -18.66
N ARG C 55 -4.50 35.00 -18.45
CA ARG C 55 -5.03 33.95 -19.30
C ARG C 55 -6.02 33.05 -18.57
N ALA C 56 -5.52 31.96 -17.98
CA ALA C 56 -6.38 31.02 -17.30
C ALA C 56 -6.66 31.44 -15.85
N LYS C 57 -7.95 31.56 -15.54
CA LYS C 57 -8.39 31.80 -14.17
C LYS C 57 -8.27 30.50 -13.37
N GLY C 58 -8.15 30.61 -12.05
CA GLY C 58 -8.13 29.43 -11.18
C GLY C 58 -8.83 29.63 -9.85
N ASN C 59 -8.22 29.14 -8.79
CA ASN C 59 -8.76 29.33 -7.44
C ASN C 59 -7.90 30.22 -6.52
N ILE C 60 -7.30 31.25 -7.12
CA ILE C 60 -6.68 32.34 -6.35
C ILE C 60 -7.78 33.02 -5.54
N LEU C 61 -7.87 32.65 -4.26
CA LEU C 61 -8.84 33.26 -3.37
C LEU C 61 -8.63 34.78 -3.40
N GLU C 62 -9.72 35.53 -3.28
CA GLU C 62 -9.70 37.01 -3.34
C GLU C 62 -8.38 37.62 -2.85
N ARG C 63 -7.93 37.16 -1.68
CA ARG C 63 -6.66 37.53 -1.02
C ARG C 63 -5.40 37.50 -1.91
N PHE C 64 -5.45 36.73 -2.99
CA PHE C 64 -4.27 36.55 -3.83
C PHE C 64 -4.27 37.49 -5.03
N SER C 65 -3.14 38.16 -5.25
CA SER C 65 -2.86 38.89 -6.48
C SER C 65 -1.81 38.14 -7.28
N ALA C 66 -1.80 38.37 -8.60
CA ALA C 66 -0.83 37.78 -9.49
C ALA C 66 -0.54 38.72 -10.64
N GLN C 67 0.75 39.00 -10.87
CA GLN C 67 1.15 39.90 -11.94
C GLN C 67 2.34 39.34 -12.70
N GLN C 68 2.23 39.31 -14.03
CA GLN C 68 3.41 39.18 -14.85
C GLN C 68 3.84 40.59 -15.22
N PHE C 69 5.12 40.88 -14.98
CA PHE C 69 5.71 42.18 -15.31
C PHE C 69 6.15 42.23 -16.79
N PRO C 70 6.56 43.42 -17.27
CA PRO C 70 6.97 43.51 -18.67
C PRO C 70 8.14 42.57 -19.03
N ASP C 71 9.01 42.30 -18.07
CA ASP C 71 10.19 41.44 -18.30
C ASP C 71 9.85 39.95 -18.24
N LEU C 72 8.55 39.66 -18.13
CA LEU C 72 7.98 38.31 -18.14
C LEU C 72 8.12 37.57 -16.81
N HIS C 73 8.66 38.24 -15.79
CA HIS C 73 8.78 37.65 -14.46
C HIS C 73 7.59 38.03 -13.59
N SER C 74 7.13 37.08 -12.80
CA SER C 74 5.85 37.21 -12.11
C SER C 74 5.99 37.40 -10.61
N GLU C 75 5.10 38.21 -10.05
CA GLU C 75 4.92 38.31 -8.60
C GLU C 75 3.57 37.67 -8.24
N LEU C 76 3.46 37.12 -7.03
CA LEU C 76 2.22 36.56 -6.56
C LEU C 76 2.05 36.94 -5.10
N ASN C 77 1.02 37.75 -4.83
CA ASN C 77 0.75 38.19 -3.49
C ASN C 77 -0.29 37.30 -2.83
N LEU C 78 -0.16 37.11 -1.52
CA LEU C 78 -1.08 36.31 -0.74
C LEU C 78 -1.37 37.07 0.54
N SER C 79 -2.38 37.96 0.47
CA SER C 79 -2.73 38.87 1.57
C SER C 79 -3.54 38.19 2.68
N SER C 80 -3.58 38.82 3.86
CA SER C 80 -4.37 38.35 5.01
C SER C 80 -4.29 36.84 5.26
N LEU C 81 -3.07 36.39 5.55
CA LEU C 81 -2.70 34.97 5.59
C LEU C 81 -3.42 34.13 6.64
N GLU C 82 -4.18 33.15 6.17
CA GLU C 82 -4.76 32.14 7.05
C GLU C 82 -3.78 31.01 7.32
N LEU C 83 -4.04 30.24 8.38
CA LEU C 83 -3.23 29.06 8.70
C LEU C 83 -3.32 28.00 7.61
N GLY C 84 -4.47 27.91 6.96
CA GLY C 84 -4.67 27.02 5.81
C GLY C 84 -3.86 27.42 4.57
N ASP C 85 -3.46 28.68 4.49
CA ASP C 85 -2.63 29.16 3.40
C ASP C 85 -1.22 28.57 3.43
N SER C 86 -0.87 27.91 4.53
CA SER C 86 0.34 27.12 4.59
C SER C 86 0.33 26.02 3.52
N ALA C 87 1.17 26.22 2.51
CA ALA C 87 1.30 25.30 1.38
C ALA C 87 2.61 25.50 0.62
N LEU C 88 2.86 24.61 -0.34
CA LEU C 88 4.01 24.70 -1.22
C LEU C 88 3.56 25.37 -2.50
N TYR C 89 4.20 26.51 -2.80
CA TYR C 89 3.84 27.33 -3.95
C TYR C 89 4.79 27.14 -5.13
N PHE C 90 4.23 26.76 -6.27
CA PHE C 90 5.01 26.46 -7.44
C PHE C 90 4.73 27.39 -8.59
N CYS C 91 5.78 28.01 -9.09
CA CYS C 91 5.72 28.75 -10.32
C CYS C 91 6.06 27.82 -11.47
N ALA C 92 5.58 28.16 -12.67
CA ALA C 92 5.80 27.35 -13.86
C ALA C 92 5.90 28.23 -15.10
N SER C 93 6.51 27.71 -16.16
CA SER C 93 6.68 28.46 -17.42
C SER C 93 6.56 27.64 -18.71
N SER C 94 6.09 28.29 -19.78
CA SER C 94 5.83 27.65 -21.04
C SER C 94 6.00 28.62 -22.21
N VAL C 95 6.22 28.06 -23.40
CA VAL C 95 6.49 28.87 -24.60
C VAL C 95 5.27 29.64 -25.12
N ALA C 96 4.17 28.95 -25.41
CA ALA C 96 2.96 29.61 -25.89
C ALA C 96 1.82 29.61 -24.86
N VAL C 97 0.68 30.22 -25.22
CA VAL C 97 -0.48 30.35 -24.35
C VAL C 97 -0.99 29.01 -23.81
N SER C 98 -1.24 28.06 -24.72
CA SER C 98 -1.64 26.70 -24.33
C SER C 98 -0.43 25.80 -24.19
N ALA C 99 -0.48 24.88 -23.23
CA ALA C 99 0.63 23.96 -22.98
C ALA C 99 0.46 22.62 -23.71
N GLY C 100 -0.31 22.63 -24.79
CA GLY C 100 -0.56 21.44 -25.59
C GLY C 100 0.69 20.94 -26.31
N THR C 101 1.10 21.68 -27.33
CA THR C 101 2.32 21.37 -28.08
C THR C 101 3.56 21.58 -27.20
N TYR C 102 3.82 22.82 -26.79
CA TYR C 102 5.00 23.21 -25.97
C TYR C 102 4.74 23.19 -24.45
N GLU C 103 5.43 22.28 -23.75
CA GLU C 103 5.08 21.88 -22.36
C GLU C 103 5.51 22.83 -21.22
N GLN C 104 5.08 22.49 -20.00
CA GLN C 104 5.33 23.27 -18.78
C GLN C 104 6.67 22.93 -18.13
N TYR C 105 7.20 23.89 -17.37
CA TYR C 105 8.38 23.67 -16.53
C TYR C 105 8.30 24.40 -15.18
N PHE C 106 8.35 23.63 -14.10
CA PHE C 106 8.21 24.15 -12.73
C PHE C 106 9.55 24.51 -12.10
N GLY C 107 9.55 25.58 -11.31
CA GLY C 107 10.68 25.92 -10.44
C GLY C 107 10.69 25.06 -9.19
N PRO C 108 11.65 25.30 -8.28
CA PRO C 108 11.79 24.44 -7.10
C PRO C 108 10.71 24.68 -6.06
N GLY C 109 10.10 25.86 -6.08
CA GLY C 109 8.94 26.14 -5.25
C GLY C 109 9.21 26.87 -3.95
N THR C 110 8.20 27.61 -3.50
CA THR C 110 8.24 28.32 -2.23
C THR C 110 7.46 27.56 -1.18
N ARG C 111 8.02 27.43 0.02
CA ARG C 111 7.29 26.83 1.11
C ARG C 111 6.84 27.93 2.06
N LEU C 112 5.54 28.22 2.05
CA LEU C 112 5.00 29.24 2.93
C LEU C 112 4.49 28.59 4.20
N THR C 113 5.03 28.98 5.35
CA THR C 113 4.50 28.55 6.64
C THR C 113 3.88 29.74 7.38
N VAL C 114 2.55 29.68 7.56
CA VAL C 114 1.79 30.69 8.28
C VAL C 114 1.54 30.16 9.68
N THR C 115 2.12 30.80 10.69
CA THR C 115 1.99 30.34 12.07
C THR C 115 1.33 31.38 12.96
N GLU C 116 0.80 30.94 14.10
CA GLU C 116 0.09 31.82 15.03
C GLU C 116 1.02 32.80 15.76
N ASP C 117 2.23 32.34 16.06
CA ASP C 117 3.26 33.17 16.68
C ASP C 117 4.63 32.72 16.20
N LEU C 118 5.47 33.68 15.81
CA LEU C 118 6.83 33.38 15.37
C LEU C 118 7.71 32.78 16.46
N LYS C 119 7.20 32.80 17.71
CA LYS C 119 7.85 32.11 18.81
C LYS C 119 7.80 30.59 18.60
N ASN C 120 6.94 30.16 17.67
CA ASN C 120 6.82 28.73 17.32
C ASN C 120 8.03 28.18 16.57
N VAL C 121 8.76 29.07 15.89
CA VAL C 121 9.92 28.67 15.10
C VAL C 121 11.07 28.21 16.00
N PHE C 122 11.61 27.03 15.70
CA PHE C 122 12.73 26.49 16.49
C PHE C 122 13.84 25.87 15.63
N PRO C 123 15.11 26.16 15.98
CA PRO C 123 16.24 25.47 15.38
C PRO C 123 16.20 24.00 15.75
N PRO C 124 16.79 23.14 14.91
CA PRO C 124 16.84 21.74 15.21
C PRO C 124 18.05 21.38 16.05
N GLU C 125 17.82 20.65 17.13
CA GLU C 125 18.90 19.99 17.84
C GLU C 125 19.35 18.89 16.91
N VAL C 126 20.64 18.60 16.90
CA VAL C 126 21.18 17.58 16.00
C VAL C 126 22.17 16.71 16.77
N ALA C 127 22.09 15.39 16.55
CA ALA C 127 22.99 14.44 17.22
C ALA C 127 23.24 13.19 16.36
N VAL C 128 24.51 12.93 16.08
CA VAL C 128 24.91 11.70 15.41
C VAL C 128 25.18 10.63 16.46
N PHE C 129 24.50 9.49 16.34
CA PHE C 129 24.72 8.38 17.25
C PHE C 129 25.55 7.29 16.60
N GLU C 130 26.72 7.02 17.20
CA GLU C 130 27.70 6.06 16.70
C GLU C 130 27.11 4.64 16.72
N PRO C 131 27.50 3.78 15.77
CA PRO C 131 26.87 2.46 15.63
C PRO C 131 27.12 1.54 16.83
N SER C 132 26.22 0.59 17.03
CA SER C 132 26.35 -0.41 18.08
C SER C 132 27.54 -1.32 17.79
N GLU C 133 28.21 -1.79 18.86
CA GLU C 133 29.30 -2.73 18.71
C GLU C 133 28.76 -4.08 18.27
N ALA C 134 27.46 -4.28 18.48
CA ALA C 134 26.78 -5.52 18.13
C ALA C 134 26.62 -5.68 16.62
N GLU C 135 26.16 -4.62 15.95
CA GLU C 135 25.95 -4.66 14.50
C GLU C 135 27.21 -5.16 13.79
N ILE C 136 28.37 -4.74 14.29
CA ILE C 136 29.64 -5.20 13.78
C ILE C 136 29.89 -6.70 14.04
N SER C 137 29.54 -7.15 15.24
CA SER C 137 29.74 -8.55 15.64
C SER C 137 28.77 -9.50 14.94
N HIS C 138 27.70 -8.94 14.40
CA HIS C 138 26.65 -9.71 13.73
C HIS C 138 26.76 -9.56 12.21
N THR C 139 26.58 -8.32 11.74
CA THR C 139 26.48 -8.02 10.30
C THR C 139 27.80 -7.69 9.63
N GLN C 140 28.87 -7.60 10.44
CA GLN C 140 30.15 -7.05 9.98
C GLN C 140 29.93 -5.78 9.13
N LYS C 141 29.00 -4.94 9.60
CA LYS C 141 28.72 -3.61 9.04
C LYS C 141 28.45 -2.65 10.18
N ALA C 142 28.35 -1.37 9.86
CA ALA C 142 28.17 -0.34 10.88
C ALA C 142 27.15 0.69 10.43
N THR C 143 26.18 0.98 11.29
CA THR C 143 25.17 1.98 10.96
C THR C 143 25.16 3.16 11.91
N LEU C 144 25.55 4.31 11.38
CA LEU C 144 25.46 5.57 12.07
C LEU C 144 24.03 6.07 11.96
N VAL C 145 23.60 6.77 13.01
CA VAL C 145 22.30 7.41 13.03
C VAL C 145 22.53 8.89 13.23
N CYS C 146 21.70 9.70 12.58
CA CYS C 146 21.61 11.11 12.89
C CYS C 146 20.19 11.46 13.30
N LEU C 147 20.05 11.97 14.53
CA LEU C 147 18.80 12.51 15.02
C LEU C 147 18.79 14.04 14.93
N ALA C 148 17.88 14.58 14.13
CA ALA C 148 17.66 16.01 14.08
C ALA C 148 16.39 16.24 14.87
N THR C 149 16.46 17.04 15.93
CA THR C 149 15.36 17.06 16.90
C THR C 149 14.88 18.44 17.32
N GLY C 150 13.57 18.57 17.42
CA GLY C 150 12.93 19.76 17.98
C GLY C 150 12.99 21.00 17.12
N PHE C 151 12.46 20.89 15.91
CA PHE C 151 12.41 22.03 14.99
C PHE C 151 11.00 22.36 14.53
N TYR C 152 10.74 23.65 14.34
CA TYR C 152 9.51 24.12 13.73
C TYR C 152 9.82 25.31 12.84
N PRO C 153 9.31 25.30 11.60
CA PRO C 153 8.57 24.20 11.01
C PRO C 153 9.56 23.16 10.45
N ASP C 154 9.12 22.28 9.56
CA ASP C 154 10.00 21.21 9.09
C ASP C 154 10.79 21.50 7.80
N HIS C 155 11.19 22.76 7.62
CA HIS C 155 12.18 23.13 6.61
C HIS C 155 13.50 22.53 7.07
N VAL C 156 13.79 21.31 6.66
CA VAL C 156 15.03 20.71 7.06
C VAL C 156 15.58 19.88 5.91
N GLU C 157 16.85 20.10 5.58
CA GLU C 157 17.54 19.32 4.57
C GLU C 157 18.77 18.69 5.20
N LEU C 158 18.74 17.35 5.34
CA LEU C 158 19.85 16.64 5.97
C LEU C 158 20.87 16.19 4.94
N SER C 159 22.13 16.10 5.37
CA SER C 159 23.23 15.73 4.49
C SER C 159 24.37 15.07 5.25
N TRP C 160 24.98 14.06 4.64
CA TRP C 160 26.12 13.36 5.23
C TRP C 160 27.43 13.66 4.50
N TRP C 161 28.47 13.96 5.28
CA TRP C 161 29.75 14.35 4.74
C TRP C 161 30.87 13.49 5.33
N VAL C 162 31.33 12.50 4.57
CA VAL C 162 32.40 11.65 5.05
C VAL C 162 33.72 12.09 4.46
N ASN C 163 34.73 12.18 5.31
CA ASN C 163 36.06 12.65 4.91
C ASN C 163 36.01 13.97 4.15
N GLY C 164 35.12 14.86 4.58
CA GLY C 164 34.99 16.19 3.99
C GLY C 164 34.13 16.23 2.74
N LYS C 165 34.06 15.10 2.04
CA LYS C 165 33.26 14.98 0.83
C LYS C 165 31.82 14.65 1.21
N GLU C 166 30.88 14.98 0.33
CA GLU C 166 29.46 14.66 0.54
C GLU C 166 29.10 13.28 -0.02
N VAL C 167 28.45 12.46 0.81
CA VAL C 167 28.10 11.11 0.39
C VAL C 167 26.61 10.95 0.17
N HIS C 168 26.26 10.37 -0.98
CA HIS C 168 24.87 10.07 -1.31
C HIS C 168 24.58 8.59 -1.18
N SER C 169 25.62 7.76 -1.33
CA SER C 169 25.50 6.32 -1.13
C SER C 169 25.68 5.95 0.34
N GLY C 170 25.00 4.88 0.73
CA GLY C 170 25.01 4.41 2.12
C GLY C 170 24.12 5.24 3.00
N VAL C 171 23.30 6.09 2.38
CA VAL C 171 22.51 7.09 3.08
C VAL C 171 21.00 6.84 2.99
N CYS C 172 20.30 7.18 4.06
CA CYS C 172 18.87 6.95 4.17
C CYS C 172 18.29 7.97 5.15
N THR C 173 17.21 8.63 4.73
CA THR C 173 16.49 9.58 5.59
C THR C 173 14.98 9.42 5.46
N ASP C 174 14.26 9.72 6.55
CA ASP C 174 12.81 9.67 6.53
C ASP C 174 12.25 10.78 5.65
N PRO C 175 11.39 10.42 4.67
CA PRO C 175 10.70 11.43 3.88
C PRO C 175 9.93 12.39 4.78
N GLN C 176 9.02 11.84 5.59
CA GLN C 176 8.26 12.64 6.56
C GLN C 176 8.95 12.69 7.93
N PRO C 177 9.10 13.91 8.49
CA PRO C 177 9.66 14.10 9.83
C PRO C 177 8.61 13.89 10.92
N LEU C 178 9.00 13.22 12.00
CA LEU C 178 8.08 12.81 13.08
C LEU C 178 7.69 13.98 13.98
N LYS C 179 6.39 14.16 14.19
CA LYS C 179 5.90 15.17 15.13
C LYS C 179 6.32 14.72 16.53
N GLU C 180 6.54 15.67 17.43
CA GLU C 180 6.92 15.32 18.80
C GLU C 180 5.72 15.27 19.74
N GLN C 181 4.87 16.29 19.69
CA GLN C 181 3.59 16.28 20.38
C GLN C 181 2.45 16.28 19.34
N PRO C 182 2.14 15.10 18.77
CA PRO C 182 1.20 14.98 17.66
C PRO C 182 -0.09 15.74 17.91
N ALA C 183 -0.45 15.88 19.19
CA ALA C 183 -1.71 16.50 19.60
C ALA C 183 -1.69 18.02 19.51
N LEU C 184 -0.50 18.62 19.66
CA LEU C 184 -0.34 20.08 19.60
C LEU C 184 -0.45 20.57 18.17
N ASN C 185 -1.17 21.69 17.99
CA ASN C 185 -1.39 22.30 16.67
C ASN C 185 -0.10 22.65 15.97
N ASP C 186 0.80 23.29 16.72
CA ASP C 186 2.10 23.73 16.23
C ASP C 186 3.22 22.92 16.88
N SER C 187 3.16 21.60 16.74
CA SER C 187 4.16 20.71 17.31
C SER C 187 5.52 20.93 16.64
N ARG C 188 6.59 20.65 17.39
CA ARG C 188 7.93 20.64 16.82
C ARG C 188 8.21 19.27 16.21
N TYR C 189 9.03 19.24 15.16
CA TYR C 189 9.27 17.99 14.45
C TYR C 189 10.66 17.40 14.74
N ALA C 190 10.83 16.13 14.37
CA ALA C 190 12.09 15.40 14.56
C ALA C 190 12.36 14.47 13.39
N LEU C 191 13.60 14.51 12.89
CA LEU C 191 13.98 13.75 11.71
C LEU C 191 15.14 12.83 12.02
N SER C 192 15.10 11.61 11.47
CA SER C 192 16.17 10.63 11.66
C SER C 192 16.78 10.25 10.32
N SER C 193 18.09 10.04 10.31
CA SER C 193 18.77 9.64 9.08
C SER C 193 19.90 8.68 9.38
N ARG C 194 20.04 7.64 8.55
CA ARG C 194 21.09 6.65 8.73
C ARG C 194 22.15 6.70 7.63
N LEU C 195 23.41 6.49 8.05
CA LEU C 195 24.53 6.27 7.13
C LEU C 195 25.19 4.98 7.54
N ARG C 196 24.99 3.94 6.72
CA ARG C 196 25.68 2.69 6.94
C ARG C 196 27.01 2.71 6.18
N VAL C 197 28.06 2.31 6.89
CA VAL C 197 29.37 2.10 6.29
C VAL C 197 29.81 0.65 6.55
N SER C 198 30.88 0.21 5.88
CA SER C 198 31.43 -1.10 6.17
C SER C 198 32.01 -1.12 7.59
N ALA C 199 32.27 -2.31 8.10
CA ALA C 199 32.84 -2.49 9.43
C ALA C 199 34.21 -1.82 9.56
N THR C 200 35.10 -2.15 8.63
CA THR C 200 36.47 -1.64 8.63
C THR C 200 36.48 -0.12 8.52
N PHE C 201 35.60 0.42 7.69
CA PHE C 201 35.51 1.86 7.48
C PHE C 201 35.17 2.61 8.78
N TRP C 202 34.31 2.02 9.61
CA TRP C 202 34.04 2.59 10.93
C TRP C 202 35.24 2.37 11.86
N GLN C 203 35.91 1.24 11.71
CA GLN C 203 37.05 0.90 12.55
C GLN C 203 38.31 1.71 12.24
N ASN C 204 38.21 2.64 11.29
CA ASN C 204 39.32 3.53 10.90
C ASN C 204 39.16 4.92 11.52
N PRO C 205 40.19 5.39 12.26
CA PRO C 205 40.14 6.73 12.84
C PRO C 205 40.40 7.84 11.83
N ARG C 206 41.00 7.50 10.69
CA ARG C 206 41.29 8.48 9.64
C ARG C 206 40.02 8.97 8.96
N ASN C 207 38.91 8.26 9.17
CA ASN C 207 37.62 8.58 8.59
C ASN C 207 36.71 9.40 9.52
N HIS C 208 36.25 10.53 9.02
CA HIS C 208 35.43 11.48 9.79
C HIS C 208 34.01 11.59 9.21
N PHE C 209 33.02 11.56 10.10
CA PHE C 209 31.62 11.58 9.70
C PHE C 209 30.93 12.86 10.17
N ARG C 210 30.16 13.46 9.27
CA ARG C 210 29.40 14.69 9.56
C ARG C 210 27.95 14.61 9.11
N CYS C 211 27.04 14.65 10.08
CA CYS C 211 25.65 14.87 9.78
C CYS C 211 25.40 16.36 9.87
N GLN C 212 24.92 16.90 8.77
CA GLN C 212 24.72 18.32 8.63
C GLN C 212 23.28 18.62 8.20
N VAL C 213 22.64 19.53 8.93
CA VAL C 213 21.24 19.82 8.72
C VAL C 213 21.02 21.29 8.38
N GLN C 214 20.43 21.51 7.22
CA GLN C 214 20.03 22.85 6.81
C GLN C 214 18.66 23.16 7.42
N PHE C 215 18.52 24.33 8.02
CA PHE C 215 17.25 24.73 8.60
C PHE C 215 16.78 26.10 8.16
N TYR C 216 15.75 26.11 7.31
CA TYR C 216 15.18 27.33 6.82
C TYR C 216 14.27 27.95 7.88
N GLY C 217 14.86 28.77 8.74
CA GLY C 217 14.14 29.40 9.85
C GLY C 217 13.77 30.85 9.63
N LEU C 218 13.90 31.66 10.69
CA LEU C 218 13.45 33.05 10.67
C LEU C 218 14.33 33.95 9.83
N SER C 219 13.73 35.02 9.33
CA SER C 219 14.44 36.00 8.53
C SER C 219 15.37 36.84 9.40
N GLU C 220 16.32 37.50 8.74
CA GLU C 220 17.11 38.56 9.37
C GLU C 220 16.32 39.90 9.25
N ASN C 221 15.16 39.84 8.63
CA ASN C 221 14.25 40.97 8.51
C ASN C 221 13.01 40.83 9.40
N ASP C 222 12.99 39.77 10.22
CA ASP C 222 11.92 39.55 11.20
C ASP C 222 12.30 40.15 12.54
N GLU C 223 11.35 40.82 13.20
CA GLU C 223 11.57 41.35 14.54
C GLU C 223 11.65 40.24 15.61
N TRP C 224 12.64 40.33 16.48
CA TRP C 224 12.86 39.32 17.54
C TRP C 224 13.12 39.96 18.92
N THR C 225 12.60 39.35 19.98
CA THR C 225 12.64 39.95 21.31
C THR C 225 12.94 38.97 22.45
N GLN C 226 12.88 37.68 22.15
CA GLN C 226 13.13 36.65 23.16
C GLN C 226 14.54 36.71 23.73
N ASP C 227 14.69 36.28 24.97
CA ASP C 227 16.00 36.20 25.60
C ASP C 227 16.80 35.12 24.90
N ARG C 228 16.11 34.08 24.46
CA ARG C 228 16.74 32.97 23.74
C ARG C 228 17.18 33.42 22.36
N ALA C 229 18.19 32.73 21.82
CA ALA C 229 18.76 33.09 20.52
C ALA C 229 17.71 33.00 19.42
N LYS C 230 17.85 33.88 18.42
CA LYS C 230 16.94 33.95 17.29
C LYS C 230 17.03 32.70 16.41
N PRO C 231 15.87 32.06 16.17
CA PRO C 231 15.81 30.82 15.42
C PRO C 231 15.90 31.07 13.90
N VAL C 232 17.01 31.66 13.48
CA VAL C 232 17.21 32.04 12.07
C VAL C 232 17.50 30.85 11.16
N THR C 233 17.47 31.10 9.86
CA THR C 233 17.89 30.12 8.88
C THR C 233 19.36 29.80 9.11
N GLN C 234 19.66 28.52 9.35
CA GLN C 234 20.99 28.12 9.79
C GLN C 234 21.27 26.64 9.64
N ILE C 235 22.55 26.31 9.58
CA ILE C 235 23.01 24.92 9.59
C ILE C 235 23.45 24.50 10.99
N VAL C 236 22.88 23.40 11.47
CA VAL C 236 23.31 22.76 12.71
C VAL C 236 24.01 21.46 12.32
N SER C 237 25.09 21.11 13.01
CA SER C 237 25.93 19.98 12.57
C SER C 237 26.47 19.09 13.68
N ALA C 238 26.59 17.80 13.37
CA ALA C 238 27.22 16.85 14.27
C ALA C 238 28.36 16.11 13.56
N GLU C 239 29.54 16.13 14.19
CA GLU C 239 30.72 15.44 13.68
C GLU C 239 30.92 14.13 14.43
N ALA C 240 31.69 13.22 13.85
CA ALA C 240 32.02 11.96 14.51
C ALA C 240 33.21 11.27 13.84
N TRP C 241 34.25 10.99 14.61
CA TRP C 241 35.40 10.27 14.10
C TRP C 241 35.21 8.76 14.31
N GLY C 242 35.93 7.96 13.52
CA GLY C 242 35.86 6.49 13.64
C GLY C 242 36.54 5.95 14.89
N ARG C 243 35.86 5.08 15.62
CA ARG C 243 36.38 4.44 16.84
C ARG C 243 36.89 3.04 16.54
N ALA C 244 38.17 2.79 16.86
CA ALA C 244 38.82 1.50 16.58
C ALA C 244 38.28 0.34 17.41
N LYS D 4 -11.04 14.31 -18.98
CA LYS D 4 -9.96 14.05 -17.99
C LYS D 4 -9.27 12.69 -18.19
N THR D 5 -8.38 12.35 -17.28
CA THR D 5 -7.71 11.05 -17.27
C THR D 5 -7.88 10.40 -15.92
N THR D 6 -7.65 9.09 -15.87
CA THR D 6 -7.59 8.36 -14.59
C THR D 6 -6.51 7.26 -14.62
N GLN D 7 -5.67 7.25 -13.59
CA GLN D 7 -4.68 6.19 -13.36
C GLN D 7 -4.87 5.63 -11.94
N PRO D 8 -4.46 4.37 -11.71
CA PRO D 8 -4.61 3.78 -10.37
C PRO D 8 -3.92 4.64 -9.32
N ASN D 9 -4.53 4.74 -8.13
CA ASN D 9 -3.97 5.54 -7.05
C ASN D 9 -2.52 5.19 -6.77
N SER D 10 -2.31 3.98 -6.24
CA SER D 10 -0.97 3.55 -5.90
C SER D 10 -0.58 2.40 -6.79
N MET D 11 0.73 2.21 -6.91
CA MET D 11 1.30 1.08 -7.62
C MET D 11 2.66 0.79 -7.02
N GLU D 12 2.95 -0.48 -6.79
CA GLU D 12 4.32 -0.83 -6.37
C GLU D 12 5.01 -1.93 -7.17
N SER D 13 6.14 -1.54 -7.78
CA SER D 13 6.91 -2.41 -8.65
C SER D 13 8.29 -2.65 -8.04
N ASN D 14 9.11 -3.43 -8.75
CA ASN D 14 10.43 -3.78 -8.26
C ASN D 14 11.57 -3.10 -8.99
N GLU D 15 12.67 -2.89 -8.25
CA GLU D 15 13.94 -2.39 -8.76
C GLU D 15 14.38 -3.10 -10.04
N GLU D 16 15.14 -2.39 -10.87
CA GLU D 16 15.78 -2.95 -12.07
C GLU D 16 14.79 -3.71 -12.97
N GLU D 17 13.59 -3.15 -13.08
CA GLU D 17 12.55 -3.71 -13.91
C GLU D 17 11.90 -2.60 -14.71
N PRO D 18 11.29 -2.95 -15.87
CA PRO D 18 10.52 -1.92 -16.54
C PRO D 18 9.22 -1.74 -15.81
N VAL D 19 8.76 -0.50 -15.72
CA VAL D 19 7.54 -0.21 -14.98
C VAL D 19 6.59 0.49 -15.91
N HIS D 20 5.44 -0.15 -16.12
CA HIS D 20 4.42 0.37 -17.00
C HIS D 20 3.35 1.08 -16.19
N LEU D 21 3.23 2.38 -16.42
CA LEU D 21 2.24 3.21 -15.73
C LEU D 21 1.06 3.48 -16.65
N PRO D 22 -0.06 2.74 -16.43
CA PRO D 22 -1.23 2.84 -17.27
C PRO D 22 -2.10 4.04 -16.89
N CYS D 23 -2.77 4.61 -17.87
CA CYS D 23 -3.69 5.72 -17.66
C CYS D 23 -4.74 5.71 -18.75
N ASN D 24 -6.00 5.84 -18.36
CA ASN D 24 -7.09 5.87 -19.31
C ASN D 24 -7.52 7.28 -19.63
N HIS D 25 -8.21 7.42 -20.77
CA HIS D 25 -8.79 8.67 -21.22
C HIS D 25 -9.78 8.37 -22.32
N SER D 26 -10.81 7.61 -21.96
CA SER D 26 -11.90 7.28 -22.88
C SER D 26 -12.65 8.53 -23.34
N THR D 27 -12.61 9.58 -22.52
CA THR D 27 -13.07 10.90 -22.92
C THR D 27 -12.28 11.36 -24.14
N ILE D 28 -12.98 11.99 -25.08
CA ILE D 28 -12.46 12.35 -26.40
C ILE D 28 -11.07 13.02 -26.41
N SER D 29 -10.02 12.18 -26.48
CA SER D 29 -8.67 12.67 -26.63
C SER D 29 -8.45 13.16 -28.07
N GLY D 30 -9.18 14.21 -28.46
CA GLY D 30 -9.23 14.69 -29.84
C GLY D 30 -7.90 15.19 -30.35
N THR D 31 -7.66 16.49 -30.19
CA THR D 31 -6.34 17.06 -30.43
C THR D 31 -5.68 17.29 -29.07
N ASP D 32 -5.96 16.40 -28.14
CA ASP D 32 -5.44 16.50 -26.78
C ASP D 32 -4.17 15.68 -26.65
N TYR D 33 -3.08 16.34 -26.27
CA TYR D 33 -1.81 15.68 -26.07
C TYR D 33 -1.85 14.94 -24.75
N ILE D 34 -1.23 13.76 -24.73
CA ILE D 34 -1.04 13.02 -23.49
C ILE D 34 0.27 13.46 -22.85
N HIS D 35 0.18 14.06 -21.67
CA HIS D 35 1.35 14.56 -20.96
C HIS D 35 1.62 13.73 -19.70
N TRP D 36 2.88 13.63 -19.32
CA TRP D 36 3.22 13.04 -18.05
C TRP D 36 4.22 13.90 -17.31
N TYR D 37 3.91 14.17 -16.04
CA TYR D 37 4.82 14.86 -15.11
C TYR D 37 5.03 13.99 -13.84
N ARG D 38 6.22 14.07 -13.24
CA ARG D 38 6.50 13.32 -12.01
C ARG D 38 6.87 14.21 -10.83
N GLN D 39 6.60 13.71 -9.62
CA GLN D 39 6.96 14.43 -8.39
C GLN D 39 7.70 13.55 -7.39
N LEU D 40 8.93 13.92 -7.09
CA LEU D 40 9.82 13.12 -6.26
C LEU D 40 9.71 13.49 -4.77
N PRO D 41 10.16 12.58 -3.88
CA PRO D 41 9.98 12.68 -2.43
C PRO D 41 9.46 14.03 -1.91
N SER D 42 10.35 15.03 -1.83
CA SER D 42 10.01 16.33 -1.22
C SER D 42 10.14 17.49 -2.21
N GLN D 43 9.82 17.24 -3.47
CA GLN D 43 10.18 18.15 -4.55
C GLN D 43 9.01 18.62 -5.42
N GLY D 44 9.27 19.63 -6.24
CA GLY D 44 8.28 20.16 -7.16
C GLY D 44 8.05 19.20 -8.31
N PRO D 45 6.97 19.40 -9.08
CA PRO D 45 6.74 18.54 -10.24
C PRO D 45 7.72 18.84 -11.38
N GLU D 46 8.17 17.79 -12.06
CA GLU D 46 8.95 17.95 -13.28
C GLU D 46 8.35 17.15 -14.43
N TYR D 47 8.54 17.65 -15.64
CA TYR D 47 8.03 17.03 -16.84
C TYR D 47 8.69 15.69 -17.12
N VAL D 48 7.98 14.80 -17.80
CA VAL D 48 8.56 13.53 -18.22
C VAL D 48 8.64 13.42 -19.75
N ILE D 49 7.52 13.04 -20.37
CA ILE D 49 7.42 12.86 -21.81
C ILE D 49 5.98 13.11 -22.18
N HIS D 50 5.72 13.51 -23.43
CA HIS D 50 4.35 13.77 -23.86
C HIS D 50 4.16 13.39 -25.32
N GLY D 51 3.00 12.82 -25.65
CA GLY D 51 2.73 12.31 -27.01
C GLY D 51 1.43 12.78 -27.65
N LEU D 52 1.08 12.17 -28.79
CA LEU D 52 -0.18 12.49 -29.49
C LEU D 52 -0.81 11.29 -30.20
N THR D 53 -0.30 10.96 -31.38
CA THR D 53 -0.89 9.91 -32.21
C THR D 53 0.03 8.71 -32.36
N SER D 54 1.31 8.87 -32.01
CA SER D 54 2.29 7.80 -32.12
C SER D 54 3.10 7.67 -30.84
N ASN D 55 3.86 6.58 -30.73
CA ASN D 55 4.75 6.36 -29.59
C ASN D 55 5.93 7.31 -29.64
N VAL D 56 6.45 7.72 -28.49
CA VAL D 56 7.52 8.71 -28.41
C VAL D 56 8.59 8.35 -27.37
N ASN D 57 9.84 8.61 -27.70
CA ASN D 57 10.97 8.30 -26.82
C ASN D 57 11.71 9.54 -26.31
N ASN D 58 12.19 9.50 -25.07
CA ASN D 58 13.21 10.43 -24.59
C ASN D 58 14.02 9.83 -23.44
N ARG D 59 15.03 10.57 -23.00
CA ARG D 59 15.97 10.06 -21.99
C ARG D 59 15.30 9.75 -20.64
N MET D 60 14.13 10.34 -20.39
CA MET D 60 13.37 10.01 -19.19
C MET D 60 12.61 8.70 -19.32
N ALA D 61 11.74 8.61 -20.32
CA ALA D 61 10.87 7.46 -20.47
C ALA D 61 10.49 7.17 -21.92
N SER D 62 9.76 6.07 -22.10
CA SER D 62 9.13 5.75 -23.36
C SER D 62 7.63 5.95 -23.14
N LEU D 63 6.93 6.45 -24.15
CA LEU D 63 5.48 6.58 -24.09
C LEU D 63 4.78 5.80 -25.20
N ALA D 64 4.07 4.77 -24.81
CA ALA D 64 3.21 4.03 -25.72
C ALA D 64 1.81 4.60 -25.65
N ILE D 65 1.24 4.88 -26.82
CA ILE D 65 -0.17 5.26 -26.92
C ILE D 65 -0.97 4.18 -27.66
N ALA D 66 -2.24 4.02 -27.30
CA ALA D 66 -3.10 3.01 -27.93
C ALA D 66 -3.45 3.43 -29.35
N GLU D 67 -3.80 2.44 -30.18
CA GLU D 67 -4.25 2.70 -31.55
C GLU D 67 -5.45 3.64 -31.53
N ASP D 68 -6.38 3.36 -30.61
CA ASP D 68 -7.60 4.16 -30.40
C ASP D 68 -7.38 5.35 -29.48
N ARG D 69 -6.17 5.44 -28.92
CA ARG D 69 -5.73 6.55 -28.04
C ARG D 69 -6.54 6.72 -26.75
N LYS D 70 -7.33 5.71 -26.39
CA LYS D 70 -8.21 5.82 -25.24
C LYS D 70 -7.43 5.50 -23.98
N SER D 71 -6.33 4.76 -24.15
CA SER D 71 -5.39 4.48 -23.06
C SER D 71 -3.96 4.81 -23.49
N SER D 72 -3.07 4.94 -22.50
CA SER D 72 -1.66 5.28 -22.74
C SER D 72 -0.77 4.68 -21.67
N THR D 73 0.48 4.40 -22.02
CA THR D 73 1.38 3.75 -21.06
C THR D 73 2.77 4.42 -20.92
N LEU D 74 2.98 5.04 -19.76
CA LEU D 74 4.29 5.58 -19.39
C LEU D 74 5.18 4.42 -18.98
N ILE D 75 6.38 4.38 -19.55
CA ILE D 75 7.31 3.25 -19.32
C ILE D 75 8.66 3.72 -18.83
N LEU D 76 8.97 3.39 -17.59
CA LEU D 76 10.31 3.63 -17.07
C LEU D 76 11.18 2.44 -17.47
N HIS D 77 12.02 2.66 -18.47
CA HIS D 77 12.83 1.60 -19.12
C HIS D 77 13.44 0.58 -18.14
N ARG D 78 13.87 1.09 -16.98
CA ARG D 78 14.46 0.31 -15.89
C ARG D 78 14.37 1.17 -14.63
N ALA D 79 13.56 0.71 -13.69
CA ALA D 79 13.26 1.49 -12.48
C ALA D 79 14.27 1.23 -11.38
N THR D 80 14.53 2.28 -10.59
CA THR D 80 15.35 2.18 -9.39
C THR D 80 14.63 2.87 -8.23
N LEU D 81 15.12 2.68 -7.01
CA LEU D 81 14.59 3.38 -5.84
C LEU D 81 14.41 4.90 -6.09
N ARG D 82 15.19 5.43 -7.02
CA ARG D 82 15.12 6.83 -7.42
C ARG D 82 13.79 7.16 -8.07
N ASP D 83 13.32 6.27 -8.94
CA ASP D 83 12.12 6.49 -9.74
C ASP D 83 10.85 6.44 -8.90
N ALA D 84 10.98 6.21 -7.59
CA ALA D 84 9.85 6.26 -6.68
C ALA D 84 9.31 7.69 -6.63
N ALA D 85 8.17 7.90 -7.28
CA ALA D 85 7.60 9.24 -7.46
C ALA D 85 6.08 9.21 -7.65
N VAL D 86 5.49 10.39 -7.84
CA VAL D 86 4.06 10.54 -8.10
C VAL D 86 3.87 10.90 -9.57
N TYR D 87 3.12 10.08 -10.30
CA TYR D 87 3.02 10.23 -11.74
C TYR D 87 1.66 10.70 -12.22
N TYR D 88 1.66 11.84 -12.93
CA TYR D 88 0.43 12.44 -13.44
C TYR D 88 0.29 12.23 -14.94
N CYS D 89 -0.88 11.78 -15.33
CA CYS D 89 -1.22 11.61 -16.73
C CYS D 89 -2.24 12.70 -17.06
N ILE D 90 -1.79 13.74 -17.75
CA ILE D 90 -2.61 14.90 -18.05
C ILE D 90 -2.97 14.96 -19.52
N LEU D 91 -4.17 15.47 -19.82
CA LEU D 91 -4.49 15.86 -21.18
C LEU D 91 -4.26 17.37 -21.35
N ARG D 92 -3.64 17.76 -22.46
CA ARG D 92 -3.36 19.17 -22.76
C ARG D 92 -3.64 19.44 -24.25
N ASP D 93 -4.45 20.44 -24.56
CA ASP D 93 -4.95 20.65 -25.94
C ASP D 93 -4.79 22.08 -26.47
N GLY D 94 -5.82 22.90 -26.24
CA GLY D 94 -5.85 24.28 -26.70
C GLY D 94 -6.13 25.26 -25.57
N ARG D 95 -6.37 26.52 -25.91
CA ARG D 95 -6.60 27.59 -24.92
C ARG D 95 -7.89 27.39 -24.13
N ASP D 99 -8.58 27.36 -17.68
CA ASP D 99 -8.50 26.09 -16.97
C ASP D 99 -7.92 25.00 -17.88
N GLY D 100 -7.81 23.78 -17.34
CA GLY D 100 -7.29 22.64 -18.08
C GLY D 100 -5.80 22.39 -17.84
N LEU D 101 -5.19 23.24 -17.03
CA LEU D 101 -3.79 23.12 -16.63
C LEU D 101 -3.75 22.64 -15.19
N THR D 102 -4.32 21.45 -14.99
CA THR D 102 -4.60 20.95 -13.67
C THR D 102 -3.93 19.60 -13.47
N PHE D 103 -3.78 19.17 -12.22
CA PHE D 103 -3.08 17.91 -11.94
C PHE D 103 -3.88 16.97 -11.09
N GLY D 104 -4.14 15.77 -11.61
CA GLY D 104 -4.92 14.77 -10.89
C GLY D 104 -4.21 14.16 -9.70
N LYS D 105 -4.84 13.16 -9.11
CA LYS D 105 -4.26 12.40 -8.00
C LYS D 105 -2.99 11.67 -8.45
N GLY D 106 -3.00 11.19 -9.69
CA GLY D 106 -1.85 10.47 -10.26
C GLY D 106 -1.58 9.13 -9.58
N THR D 107 -0.41 8.57 -9.83
CA THR D 107 -0.06 7.27 -9.27
C THR D 107 1.16 7.29 -8.35
N HIS D 108 0.91 7.08 -7.07
CA HIS D 108 1.95 6.98 -6.05
C HIS D 108 2.74 5.73 -6.35
N LEU D 109 3.77 5.86 -7.18
CA LEU D 109 4.62 4.75 -7.54
C LEU D 109 5.60 4.45 -6.40
N ILE D 110 5.69 3.18 -6.03
CA ILE D 110 6.60 2.76 -4.96
C ILE D 110 7.52 1.66 -5.49
N ILE D 111 8.78 1.68 -5.09
CA ILE D 111 9.77 0.69 -5.54
C ILE D 111 10.34 -0.08 -4.35
N GLN D 112 10.50 -1.39 -4.51
CA GLN D 112 11.07 -2.22 -3.46
C GLN D 112 12.36 -2.93 -3.85
N PRO D 113 13.34 -2.96 -2.94
CA PRO D 113 14.64 -3.56 -3.20
C PRO D 113 14.65 -5.08 -3.13
N TYR D 114 15.52 -5.71 -3.90
CA TYR D 114 15.66 -7.16 -3.92
C TYR D 114 16.58 -7.63 -2.78
N ILE D 115 16.10 -7.49 -1.55
CA ILE D 115 16.82 -7.90 -0.33
C ILE D 115 16.94 -9.43 -0.26
N GLN D 116 18.13 -9.93 -0.55
CA GLN D 116 18.34 -11.37 -0.69
C GLN D 116 18.47 -12.11 0.65
N ASN D 117 19.13 -11.48 1.62
CA ASN D 117 19.38 -12.08 2.92
C ASN D 117 18.85 -11.21 4.06
N PRO D 118 17.59 -11.39 4.46
CA PRO D 118 17.12 -10.69 5.65
C PRO D 118 17.90 -11.12 6.88
N ASP D 119 18.08 -10.20 7.82
CA ASP D 119 18.80 -10.48 9.06
C ASP D 119 18.24 -9.62 10.20
N PRO D 120 16.92 -9.73 10.47
CA PRO D 120 16.29 -8.85 11.45
C PRO D 120 17.04 -8.85 12.76
N ALA D 121 17.39 -7.66 13.21
CA ALA D 121 18.11 -7.46 14.46
C ALA D 121 18.00 -6.00 14.86
N VAL D 122 17.49 -5.76 16.06
CA VAL D 122 17.41 -4.41 16.58
C VAL D 122 18.58 -4.16 17.56
N TYR D 123 19.27 -3.04 17.36
CA TYR D 123 20.49 -2.74 18.10
C TYR D 123 20.32 -1.49 18.95
N GLN D 124 21.14 -1.36 20.00
CA GLN D 124 21.17 -0.15 20.81
C GLN D 124 22.26 0.78 20.27
N LEU D 125 21.84 1.92 19.73
CA LEU D 125 22.77 2.90 19.17
C LEU D 125 22.92 4.10 20.10
N VAL D 135 19.04 5.60 22.02
CA VAL D 135 18.32 5.26 20.80
C VAL D 135 18.57 3.81 20.34
N CYS D 136 17.54 3.17 19.80
CA CYS D 136 17.65 1.83 19.20
C CYS D 136 17.25 1.84 17.70
N LEU D 137 17.81 0.91 16.92
CA LEU D 137 17.60 0.87 15.46
C LEU D 137 17.25 -0.53 14.93
N PHE D 138 16.14 -0.61 14.23
CA PHE D 138 15.67 -1.86 13.65
C PHE D 138 16.09 -1.90 12.18
N THR D 139 16.82 -2.96 11.80
CA THR D 139 17.37 -3.04 10.45
C THR D 139 17.48 -4.47 9.89
N ASP D 140 17.70 -4.54 8.57
CA ASP D 140 17.90 -5.81 7.84
C ASP D 140 16.69 -6.72 7.92
N PHE D 141 15.52 -6.18 7.65
CA PHE D 141 14.30 -6.98 7.62
C PHE D 141 13.74 -7.01 6.19
N ASP D 142 12.70 -7.83 5.98
CA ASP D 142 12.07 -7.94 4.66
C ASP D 142 11.05 -6.83 4.45
N SER D 143 10.53 -6.75 3.22
CA SER D 143 9.49 -5.80 2.87
C SER D 143 8.15 -6.21 3.48
N GLN D 144 7.99 -7.51 3.73
CA GLN D 144 6.75 -8.06 4.29
C GLN D 144 6.52 -7.63 5.74
N THR D 145 7.30 -6.63 6.17
CA THR D 145 7.16 -6.03 7.50
C THR D 145 6.99 -4.52 7.41
N ASN D 146 6.21 -3.95 8.33
CA ASN D 146 5.99 -2.51 8.44
C ASN D 146 5.76 -2.09 9.90
N VAL D 147 6.05 -0.83 10.20
CA VAL D 147 5.93 -0.28 11.55
C VAL D 147 4.47 -0.02 11.94
N SER D 153 2.50 6.36 22.49
CA SER D 153 2.50 7.82 22.49
C SER D 153 3.68 8.39 23.27
N ASP D 154 4.27 7.57 24.13
CA ASP D 154 5.43 7.98 24.93
C ASP D 154 6.75 7.92 24.13
N VAL D 155 6.78 7.05 23.13
CA VAL D 155 7.97 6.83 22.30
C VAL D 155 7.81 7.35 20.88
N TYR D 156 8.95 7.61 20.24
CA TYR D 156 8.98 8.01 18.82
C TYR D 156 9.62 6.91 17.99
N ILE D 157 8.90 6.47 16.95
CA ILE D 157 9.43 5.51 15.97
C ILE D 157 9.30 6.11 14.58
N THR D 158 10.30 5.88 13.73
CA THR D 158 10.27 6.40 12.37
C THR D 158 9.86 5.33 11.38
N ASP D 159 9.28 5.78 10.26
CA ASP D 159 8.91 4.90 9.17
C ASP D 159 10.18 4.31 8.56
N LYS D 160 10.09 3.07 8.12
CA LYS D 160 11.22 2.35 7.53
C LYS D 160 11.75 3.03 6.29
N CYS D 161 13.08 3.09 6.18
CA CYS D 161 13.73 3.68 5.01
C CYS D 161 14.87 2.79 4.49
N VAL D 162 14.96 2.65 3.17
CA VAL D 162 15.95 1.79 2.52
C VAL D 162 17.17 2.56 2.04
N LEU D 163 18.33 1.92 2.10
CA LEU D 163 19.60 2.55 1.77
C LEU D 163 20.52 1.65 0.94
N ASP D 164 20.61 1.91 -0.37
CA ASP D 164 21.45 1.12 -1.27
C ASP D 164 22.91 1.52 -1.14
N MET D 165 23.81 0.60 -1.44
CA MET D 165 25.24 0.87 -1.33
C MET D 165 25.97 0.55 -2.62
N ARG D 166 26.42 1.60 -3.29
CA ARG D 166 27.30 1.44 -4.43
C ARG D 166 28.48 0.57 -4.02
N SER D 167 29.07 -0.14 -4.98
CA SER D 167 30.22 -1.03 -4.75
C SER D 167 29.86 -2.32 -4.01
N MET D 168 29.16 -2.19 -2.88
CA MET D 168 28.77 -3.37 -2.10
C MET D 168 27.50 -4.00 -2.65
N ASP D 169 26.74 -3.23 -3.42
CA ASP D 169 25.48 -3.66 -4.04
C ASP D 169 24.55 -4.35 -3.04
N PHE D 170 24.31 -3.68 -1.93
CA PHE D 170 23.46 -4.18 -0.84
C PHE D 170 22.49 -3.10 -0.39
N LYS D 171 21.19 -3.39 -0.46
CA LYS D 171 20.15 -2.43 -0.02
C LYS D 171 19.56 -2.87 1.32
N SER D 172 19.43 -1.92 2.25
CA SER D 172 19.09 -2.22 3.65
C SER D 172 17.84 -1.51 4.18
N ASN D 173 16.89 -2.29 4.68
CA ASN D 173 15.71 -1.79 5.38
C ASN D 173 16.08 -1.39 6.79
N SER D 174 15.67 -0.20 7.21
CA SER D 174 15.90 0.24 8.60
C SER D 174 14.87 1.26 9.07
N ALA D 175 14.55 1.19 10.36
CA ALA D 175 13.64 2.13 11.01
C ALA D 175 14.16 2.42 12.41
N VAL D 176 14.10 3.68 12.81
CA VAL D 176 14.64 4.10 14.10
C VAL D 176 13.55 4.25 15.14
N ALA D 177 13.86 3.83 16.37
CA ALA D 177 12.97 4.02 17.51
C ALA D 177 13.70 4.72 18.66
N TRP D 178 13.11 5.78 19.20
CA TRP D 178 13.68 6.47 20.34
C TRP D 178 12.62 7.14 21.21
N SER D 179 12.87 7.17 22.52
CA SER D 179 11.99 7.78 23.51
C SER D 179 12.81 8.40 24.64
N ASN D 180 12.13 9.13 25.52
CA ASN D 180 12.79 9.72 26.67
C ASN D 180 12.01 9.47 27.95
N LYS D 181 12.33 8.36 28.62
CA LYS D 181 11.63 7.94 29.83
C LYS D 181 12.60 7.49 30.92
N ALA D 185 17.33 1.83 27.87
CA ALA D 185 15.93 1.41 28.00
C ALA D 185 15.36 0.99 26.64
N CYS D 186 15.88 -0.13 26.12
CA CYS D 186 15.53 -0.61 24.78
C CYS D 186 14.31 -1.53 24.80
N ALA D 187 13.14 -0.93 24.54
CA ALA D 187 11.86 -1.61 24.62
C ALA D 187 11.31 -2.05 23.26
N ASN D 188 10.36 -2.98 23.31
CA ASN D 188 9.64 -3.48 22.13
C ASN D 188 9.29 -2.38 21.13
N ALA D 189 9.57 -2.64 19.85
CA ALA D 189 9.28 -1.68 18.77
C ALA D 189 8.26 -2.25 17.79
N PRO D 196 8.30 -8.40 13.22
CA PRO D 196 9.67 -8.89 13.31
C PRO D 196 9.71 -10.38 13.63
N GLU D 197 10.54 -11.14 12.91
CA GLU D 197 10.62 -12.59 13.08
C GLU D 197 11.54 -12.97 14.24
N ASP D 198 12.62 -13.68 13.93
CA ASP D 198 13.65 -14.00 14.93
C ASP D 198 14.74 -12.92 14.95
N THR D 199 14.39 -11.75 15.48
CA THR D 199 15.28 -10.59 15.55
C THR D 199 16.30 -10.72 16.68
N PHE D 200 17.53 -10.24 16.44
CA PHE D 200 18.61 -10.38 17.42
C PHE D 200 18.65 -9.24 18.45
N PHE D 201 18.62 -9.63 19.73
CA PHE D 201 18.71 -8.71 20.86
C PHE D 201 19.88 -9.13 21.76
N PRO D 202 21.10 -8.65 21.46
CA PRO D 202 22.26 -8.97 22.31
C PRO D 202 22.15 -8.36 23.72
N SER D 203 22.83 -8.96 24.70
CA SER D 203 22.71 -8.50 26.09
C SER D 203 23.37 -7.14 26.35
C1 GLC E . 9.93 -1.09 -24.62
C2 GLC E . 9.77 -0.49 -26.04
C3 GLC E . 8.49 -1.05 -26.67
C4 GLC E . 8.23 -2.43 -26.09
C5 GLC E . 7.79 -2.27 -24.64
C6 GLC E . 7.78 -3.59 -23.87
O2 GLC E . 9.79 0.94 -26.05
O3 GLC E . 8.62 -1.12 -28.08
O4 GLC E . 7.26 -3.13 -26.87
O5 GLC E . 8.65 -1.30 -24.00
O6 GLC E . 6.45 -4.13 -23.82
C1 FRU E . 11.13 -1.60 -21.73
C2 FRU E . 11.79 -1.04 -22.99
C3 FRU E . 12.56 -2.11 -23.80
C4 FRU E . 13.98 -2.09 -23.30
C5 FRU E . 14.06 -0.90 -22.36
C6 FRU E . 15.30 -0.04 -22.66
O1 FRU E . 9.97 -2.40 -22.02
O2 FRU E . 10.83 -0.31 -23.79
O3 FRU E . 12.64 -1.81 -25.21
O4 FRU E . 14.30 -3.33 -22.62
O5 FRU E . 12.83 -0.18 -22.50
O6 FRU E . 16.51 -0.79 -22.58
C1 GLC F . -11.98 -1.01 -23.73
C2 GLC F . -11.82 -1.79 -25.04
C3 GLC F . -10.88 -1.03 -25.98
C4 GLC F . -10.64 0.38 -25.46
C5 GLC F . -10.03 0.36 -24.05
C6 GLC F . -10.09 1.77 -23.42
O2 GLC F . -11.30 -3.12 -24.84
O3 GLC F . -11.49 -0.97 -27.27
O4 GLC F . -9.79 1.12 -26.33
O5 GLC F . -10.69 -0.61 -23.23
O6 GLC F . -8.77 2.23 -23.11
C1 FRU F . -12.98 -0.29 -20.77
C2 FRU F . -13.71 -0.93 -21.96
C3 FRU F . -14.51 0.08 -22.80
C4 FRU F . -15.85 0.22 -22.12
C5 FRU F . -15.91 -0.92 -21.10
C6 FRU F . -17.20 -1.74 -21.19
O1 FRU F . -11.86 0.52 -21.13
O2 FRU F . -12.78 -1.72 -22.75
O3 FRU F . -14.78 -0.40 -24.12
O4 FRU F . -15.93 1.53 -21.52
O5 FRU F . -14.75 -1.73 -21.36
O6 FRU F . -18.36 -1.01 -20.75
#